data_7UL1
#
_entry.id   7UL1
#
_cell.length_a   86.691
_cell.length_b   103.117
_cell.length_c   112.344
_cell.angle_alpha   90.000
_cell.angle_beta   90.000
_cell.angle_gamma   90.000
#
_symmetry.space_group_name_H-M   'P 21 2 21'
#
loop_
_entity.id
_entity.type
_entity.pdbx_description
1 polymer 'Spike protein S1'
2 polymer 'Heavy chain of EH3'
3 polymer 'Light chain of EH3'
4 non-polymer 2-acetamido-2-deoxy-beta-D-glucopyranose
5 water water
#
loop_
_entity_poly.entity_id
_entity_poly.type
_entity_poly.pdbx_seq_one_letter_code
_entity_poly.pdbx_strand_id
1 'polypeptide(L)'
;FPNITNLCPFGEVFNATRFASVYAWNRKRISNCVADYSVLYNSASFSTFKCYGVSPTKLNDLCFTNVYADSFVIRGDEVR
QIAPGQTGKIADYNYKLPDDFTGCVIAWNSNNLDSKVGGNYNYLYRLFRKSNLKPFERDISTEIYQAGSTPCNGVEGFNC
YFPLQSYGFQPTNGVGYQPYRVVVLSFELLHAPATVCGPKKSTNLVKNKC
;
A
2 'polypeptide(L)'
;EVQLVESGGGLVQPGGSLRLSCAASGITVSSNYMTWVRQAPGKGLEWVSVIYSGGSTFYADSVRGRFTISRDNSKNTLYL
QMNSLRAEDTAVYYCARDLEMAGAFDIWGQGTMVTVSSASTKGPSVFPLAPSSKSTSGGTAALGCLVKDYFPEPVTVSWN
SGALTSGVHTFPAVLQSSGLYSLSSVVTVPSSSLGTQTYICNVNHKPSNTKVDKKVEPKSC
;
H
3 'polypeptide(L)'
;EIVLTQSPGTLSLSPGERATLSCRASQSVSSSYLAWYQQKPGQAPRLLIYGASSRATGIPDRFSGSGSGTDFTLTISRLE
PEDSAVYYCQQYGSSYTFGQGTKLEIKRTVAAPSVFIFPPSDEQLKSGTASVVCLLNNFYPREAKVQWKVDNALQSGNSQ
ESVTEQDSKDSTYSLSSTLTLSKADYEKHKVYACEVTHQGLSSPVTKSFNRGEC
;
L
#
loop_
_chem_comp.id
_chem_comp.type
_chem_comp.name
_chem_comp.formula
NAG D-saccharide, beta linking 2-acetamido-2-deoxy-beta-D-glucopyranose 'C8 H15 N O6'
#
# COMPACT_ATOMS: atom_id res chain seq x y z
N ASN A 6 14.37 -57.32 -4.17
CA ASN A 6 13.02 -57.27 -3.64
C ASN A 6 12.86 -56.17 -2.61
N LEU A 7 13.88 -55.33 -2.46
CA LEU A 7 13.85 -54.21 -1.54
C LEU A 7 13.45 -52.95 -2.30
N CYS A 8 12.53 -52.18 -1.72
CA CYS A 8 11.96 -51.05 -2.43
C CYS A 8 13.04 -50.01 -2.74
N PRO A 9 13.00 -49.39 -3.92
CA PRO A 9 14.06 -48.46 -4.33
C PRO A 9 13.84 -47.05 -3.79
N PHE A 10 13.86 -46.91 -2.45
CA PHE A 10 13.73 -45.60 -1.85
C PHE A 10 14.96 -44.74 -2.11
N GLY A 11 16.12 -45.37 -2.32
CA GLY A 11 17.32 -44.61 -2.63
C GLY A 11 17.26 -43.92 -3.97
N GLU A 12 16.63 -44.56 -4.96
CA GLU A 12 16.41 -43.90 -6.24
C GLU A 12 15.62 -42.61 -6.08
N VAL A 13 14.72 -42.57 -5.10
CA VAL A 13 13.89 -41.38 -4.89
C VAL A 13 14.63 -40.36 -4.03
N PHE A 14 15.05 -40.76 -2.83
CA PHE A 14 15.62 -39.81 -1.88
C PHE A 14 16.99 -39.31 -2.33
N ASN A 15 17.83 -40.21 -2.86
CA ASN A 15 19.20 -39.89 -3.21
C ASN A 15 19.36 -39.51 -4.68
N ALA A 16 18.28 -39.16 -5.36
CA ALA A 16 18.34 -38.76 -6.76
C ALA A 16 19.17 -37.48 -6.91
N THR A 17 19.76 -37.32 -8.10
CA THR A 17 20.77 -36.30 -8.21
C THR A 17 20.15 -34.90 -8.26
N ARG A 18 19.06 -34.74 -9.01
CA ARG A 18 18.34 -33.47 -9.06
C ARG A 18 16.86 -33.81 -8.93
N PHE A 19 16.09 -32.95 -8.28
CA PHE A 19 14.66 -33.24 -8.07
C PHE A 19 13.85 -32.52 -9.12
N ALA A 20 12.54 -32.80 -9.17
CA ALA A 20 11.68 -32.12 -10.13
C ALA A 20 11.19 -30.79 -9.56
N SER A 21 10.81 -29.88 -10.45
CA SER A 21 10.13 -28.67 -10.03
C SER A 21 8.76 -29.04 -9.46
N VAL A 22 8.30 -28.24 -8.49
CA VAL A 22 7.09 -28.59 -7.76
C VAL A 22 5.88 -28.61 -8.69
N TYR A 23 5.84 -27.75 -9.70
CA TYR A 23 4.74 -27.76 -10.64
C TYR A 23 4.73 -29.04 -11.47
N ALA A 24 5.90 -29.59 -11.76
CA ALA A 24 6.01 -30.83 -12.52
C ALA A 24 6.54 -31.94 -11.61
N TRP A 25 5.90 -32.14 -10.46
CA TRP A 25 6.42 -33.07 -9.46
C TRP A 25 6.47 -34.50 -10.00
N ASN A 26 7.53 -35.21 -9.63
CA ASN A 26 7.71 -36.60 -10.02
C ASN A 26 6.94 -37.52 -9.09
N ARG A 27 6.46 -38.64 -9.64
CA ARG A 27 5.79 -39.67 -8.86
C ARG A 27 6.38 -41.02 -9.25
N LYS A 28 6.85 -41.77 -8.27
CA LYS A 28 7.35 -43.12 -8.48
C LYS A 28 6.41 -44.12 -7.84
N ARG A 29 5.94 -45.08 -8.64
CA ARG A 29 5.06 -46.13 -8.15
C ARG A 29 5.89 -47.23 -7.52
N ILE A 30 5.63 -47.52 -6.26
CA ILE A 30 6.37 -48.52 -5.49
C ILE A 30 5.51 -49.76 -5.37
N SER A 31 6.02 -50.90 -5.84
CA SER A 31 5.27 -52.14 -5.79
C SER A 31 6.24 -53.32 -5.85
N ASN A 32 5.74 -54.48 -5.39
CA ASN A 32 6.48 -55.75 -5.46
C ASN A 32 7.81 -55.68 -4.72
N CYS A 33 7.76 -55.21 -3.47
CA CYS A 33 8.99 -55.05 -2.70
C CYS A 33 8.69 -54.96 -1.22
N VAL A 34 9.74 -55.15 -0.42
CA VAL A 34 9.70 -54.95 1.02
C VAL A 34 10.36 -53.62 1.33
N ALA A 35 9.78 -52.85 2.25
CA ALA A 35 10.03 -51.42 2.33
C ALA A 35 11.28 -51.08 3.13
N ASP A 36 11.33 -51.51 4.39
CA ASP A 36 12.37 -51.09 5.34
C ASP A 36 12.38 -49.56 5.50
N TYR A 37 11.28 -49.05 6.05
CA TYR A 37 11.18 -47.62 6.34
C TYR A 37 12.14 -47.15 7.43
N SER A 38 12.80 -48.08 8.12
CA SER A 38 13.64 -47.70 9.25
C SER A 38 14.84 -46.86 8.81
N VAL A 39 15.28 -47.01 7.56
CA VAL A 39 16.37 -46.18 7.06
C VAL A 39 15.97 -44.71 7.05
N LEU A 40 14.68 -44.43 6.85
CA LEU A 40 14.21 -43.05 6.79
C LEU A 40 14.03 -42.46 8.18
N TYR A 41 13.12 -43.03 8.98
CA TYR A 41 12.72 -42.37 10.22
C TYR A 41 13.84 -42.34 11.25
N ASN A 42 14.85 -43.20 11.11
CA ASN A 42 16.00 -43.20 12.03
C ASN A 42 17.16 -42.37 11.50
N SER A 43 16.88 -41.31 10.76
CA SER A 43 17.90 -40.44 10.19
C SER A 43 17.77 -39.04 10.79
N ALA A 44 18.91 -38.42 11.08
CA ALA A 44 18.95 -37.08 11.63
C ALA A 44 19.00 -36.00 10.56
N SER A 45 18.87 -36.37 9.29
CA SER A 45 19.02 -35.44 8.18
C SER A 45 17.74 -34.70 7.82
N PHE A 46 16.59 -35.15 8.31
CA PHE A 46 15.30 -34.65 7.87
C PHE A 46 14.79 -33.60 8.87
N SER A 47 14.57 -32.38 8.37
CA SER A 47 13.97 -31.33 9.18
C SER A 47 12.48 -31.52 9.37
N THR A 48 11.85 -32.35 8.53
CA THR A 48 10.42 -32.61 8.61
C THR A 48 10.18 -34.09 8.40
N PHE A 49 9.43 -34.71 9.32
CA PHE A 49 8.98 -36.10 9.17
C PHE A 49 7.60 -36.19 9.81
N LYS A 50 6.59 -35.74 9.07
CA LYS A 50 5.20 -35.73 9.53
C LYS A 50 4.43 -36.82 8.82
N CYS A 51 3.78 -37.69 9.60
CA CYS A 51 2.94 -38.75 9.06
C CYS A 51 1.48 -38.49 9.43
N TYR A 52 0.58 -38.94 8.56
CA TYR A 52 -0.85 -38.69 8.71
C TYR A 52 -1.61 -39.98 8.48
N GLY A 53 -2.45 -40.36 9.45
CA GLY A 53 -3.19 -41.60 9.36
C GLY A 53 -2.38 -42.84 9.65
N VAL A 54 -1.09 -42.72 9.93
CA VAL A 54 -0.23 -43.85 10.27
C VAL A 54 0.75 -43.41 11.35
N SER A 55 1.23 -44.39 12.12
CA SER A 55 2.32 -44.12 13.03
C SER A 55 3.63 -44.55 12.40
N PRO A 56 4.65 -43.68 12.35
CA PRO A 56 5.90 -44.05 11.68
C PRO A 56 6.60 -45.25 12.31
N THR A 57 6.44 -45.44 13.62
CA THR A 57 7.08 -46.57 14.29
C THR A 57 6.52 -47.90 13.80
N LYS A 58 5.21 -47.96 13.56
CA LYS A 58 4.60 -49.21 13.14
C LYS A 58 4.96 -49.58 11.70
N LEU A 59 5.45 -48.63 10.91
CA LEU A 59 5.46 -48.75 9.45
C LEU A 59 6.10 -50.05 8.96
N ASN A 60 7.03 -50.61 9.72
CA ASN A 60 7.64 -51.87 9.30
C ASN A 60 6.79 -53.09 9.65
N ASP A 61 5.55 -52.90 10.12
CA ASP A 61 4.66 -54.00 10.44
C ASP A 61 3.31 -53.85 9.74
N LEU A 62 3.22 -53.02 8.71
CA LEU A 62 2.00 -52.96 7.91
C LEU A 62 2.29 -53.28 6.45
N CYS A 63 1.20 -53.49 5.72
CA CYS A 63 1.22 -53.73 4.29
C CYS A 63 0.24 -52.77 3.62
N PHE A 64 0.59 -52.36 2.40
CA PHE A 64 -0.28 -51.51 1.61
C PHE A 64 -0.31 -52.06 0.18
N THR A 65 -1.45 -51.85 -0.49
CA THR A 65 -1.58 -52.43 -1.83
C THR A 65 -0.73 -51.68 -2.85
N ASN A 66 -0.48 -50.39 -2.62
CA ASN A 66 0.40 -49.60 -3.48
C ASN A 66 0.95 -48.43 -2.67
N VAL A 67 2.17 -48.02 -3.02
CA VAL A 67 2.83 -46.88 -2.40
C VAL A 67 3.30 -45.95 -3.50
N TYR A 68 3.05 -44.65 -3.33
CA TYR A 68 3.53 -43.63 -4.24
C TYR A 68 4.51 -42.71 -3.52
N ALA A 69 5.60 -42.37 -4.19
CA ALA A 69 6.61 -41.44 -3.67
C ALA A 69 6.67 -40.25 -4.59
N ASP A 70 6.13 -39.12 -4.14
CA ASP A 70 6.16 -37.87 -4.88
C ASP A 70 7.29 -37.00 -4.36
N SER A 71 8.05 -36.40 -5.28
CA SER A 71 9.23 -35.63 -4.90
C SER A 71 9.31 -34.35 -5.73
N PHE A 72 9.79 -33.29 -5.09
CA PHE A 72 9.91 -31.98 -5.70
C PHE A 72 10.76 -31.10 -4.79
N VAL A 73 10.94 -29.83 -5.20
CA VAL A 73 11.72 -28.86 -4.45
C VAL A 73 10.88 -27.59 -4.30
N ILE A 74 10.85 -27.06 -3.07
CA ILE A 74 10.13 -25.84 -2.75
C ILE A 74 10.98 -25.01 -1.78
N ARG A 75 10.47 -23.83 -1.43
CA ARG A 75 11.12 -23.03 -0.40
C ARG A 75 10.94 -23.67 0.97
N GLY A 76 11.84 -23.33 1.89
CA GLY A 76 11.69 -23.79 3.26
C GLY A 76 10.43 -23.26 3.91
N ASP A 77 10.06 -22.01 3.60
CA ASP A 77 8.83 -21.43 4.12
C ASP A 77 7.58 -22.09 3.55
N GLU A 78 7.70 -22.87 2.48
CA GLU A 78 6.55 -23.49 1.83
C GLU A 78 6.33 -24.93 2.25
N VAL A 79 7.26 -25.51 3.01
CA VAL A 79 7.10 -26.90 3.45
C VAL A 79 5.84 -27.07 4.29
N ARG A 80 5.46 -26.03 5.04
CA ARG A 80 4.23 -26.08 5.83
C ARG A 80 3.00 -26.32 4.98
N GLN A 81 3.06 -26.00 3.68
CA GLN A 81 1.90 -26.18 2.82
C GLN A 81 1.72 -27.62 2.36
N ILE A 82 2.75 -28.45 2.47
CA ILE A 82 2.64 -29.86 2.09
C ILE A 82 2.03 -30.62 3.26
N ALA A 83 0.74 -30.37 3.51
CA ALA A 83 0.01 -30.99 4.59
C ALA A 83 -1.48 -30.89 4.27
N PRO A 84 -2.30 -31.78 4.79
CA PRO A 84 -3.74 -31.71 4.52
C PRO A 84 -4.33 -30.38 4.97
N GLY A 85 -5.26 -29.86 4.17
CA GLY A 85 -6.01 -28.68 4.55
C GLY A 85 -5.26 -27.37 4.52
N GLN A 86 -4.16 -27.30 3.77
CA GLN A 86 -3.37 -26.08 3.69
C GLN A 86 -3.71 -25.31 2.42
N THR A 87 -3.43 -24.00 2.46
CA THR A 87 -3.59 -23.11 1.32
C THR A 87 -2.32 -22.31 1.12
N GLY A 88 -2.26 -21.62 -0.02
CA GLY A 88 -1.07 -20.92 -0.45
C GLY A 88 -0.73 -21.28 -1.88
N LYS A 89 0.33 -20.63 -2.38
CA LYS A 89 0.71 -20.81 -3.78
C LYS A 89 0.97 -22.27 -4.11
N ILE A 90 1.65 -22.99 -3.22
CA ILE A 90 2.07 -24.35 -3.50
C ILE A 90 0.88 -25.31 -3.41
N ALA A 91 0.12 -25.23 -2.31
CA ALA A 91 -1.00 -26.13 -2.13
C ALA A 91 -2.12 -25.84 -3.15
N ASP A 92 -2.28 -24.59 -3.54
CA ASP A 92 -3.36 -24.25 -4.47
C ASP A 92 -3.00 -24.57 -5.91
N TYR A 93 -1.77 -24.24 -6.34
CA TYR A 93 -1.44 -24.26 -7.76
C TYR A 93 -0.31 -25.22 -8.14
N ASN A 94 0.27 -25.96 -7.18
CA ASN A 94 1.41 -26.79 -7.54
C ASN A 94 1.28 -28.23 -7.04
N TYR A 95 0.99 -28.43 -5.76
CA TYR A 95 0.87 -29.78 -5.21
C TYR A 95 -0.16 -29.74 -4.09
N LYS A 96 -1.26 -30.48 -4.26
CA LYS A 96 -2.38 -30.46 -3.33
C LYS A 96 -2.55 -31.83 -2.70
N LEU A 97 -2.42 -31.88 -1.38
CA LEU A 97 -2.76 -33.10 -0.66
C LEU A 97 -4.25 -33.12 -0.32
N PRO A 98 -4.86 -34.29 -0.27
CA PRO A 98 -6.26 -34.37 0.14
C PRO A 98 -6.39 -34.25 1.65
N ASP A 99 -7.62 -34.00 2.09
CA ASP A 99 -7.87 -33.80 3.51
C ASP A 99 -7.74 -35.10 4.30
N ASP A 100 -8.09 -36.22 3.70
CA ASP A 100 -7.93 -37.53 4.33
C ASP A 100 -6.65 -38.23 3.88
N PHE A 101 -5.57 -37.46 3.73
CA PHE A 101 -4.29 -37.99 3.30
C PHE A 101 -3.77 -39.02 4.30
N THR A 102 -3.47 -40.21 3.81
CA THR A 102 -2.86 -41.27 4.61
C THR A 102 -1.44 -41.51 4.08
N GLY A 103 -0.46 -40.92 4.76
CA GLY A 103 0.91 -41.06 4.35
C GLY A 103 1.82 -40.18 5.17
N CYS A 104 3.03 -39.95 4.66
CA CYS A 104 4.04 -39.18 5.37
C CYS A 104 4.66 -38.14 4.45
N VAL A 105 4.97 -36.98 5.02
CA VAL A 105 5.67 -35.91 4.34
C VAL A 105 7.07 -35.81 4.92
N ILE A 106 8.08 -35.91 4.08
CA ILE A 106 9.48 -35.88 4.49
C ILE A 106 10.18 -34.77 3.72
N ALA A 107 10.90 -33.90 4.44
CA ALA A 107 11.58 -32.78 3.82
C ALA A 107 12.93 -32.57 4.50
N TRP A 108 13.88 -32.02 3.73
CA TRP A 108 15.19 -31.69 4.28
C TRP A 108 15.81 -30.58 3.44
N ASN A 109 16.64 -29.77 4.09
CA ASN A 109 17.32 -28.68 3.42
C ASN A 109 18.31 -29.22 2.39
N SER A 110 18.30 -28.61 1.20
CA SER A 110 19.17 -29.01 0.10
C SER A 110 19.87 -27.80 -0.50
N ASN A 111 20.26 -26.86 0.36
CA ASN A 111 20.94 -25.66 -0.12
C ASN A 111 22.27 -25.99 -0.79
N ASN A 112 22.96 -27.01 -0.29
CA ASN A 112 24.26 -27.38 -0.85
C ASN A 112 24.13 -27.92 -2.26
N LEU A 113 22.97 -28.47 -2.62
CA LEU A 113 22.80 -29.15 -3.90
C LEU A 113 22.00 -28.35 -4.93
N ASP A 114 21.05 -27.53 -4.48
CA ASP A 114 20.09 -26.90 -5.38
C ASP A 114 20.26 -25.39 -5.49
N SER A 115 21.30 -24.82 -4.88
N SER A 115 21.31 -24.83 -4.89
CA SER A 115 21.57 -23.40 -4.95
CA SER A 115 21.57 -23.39 -4.96
C SER A 115 22.89 -23.16 -5.69
C SER A 115 22.88 -23.14 -5.68
N LYS A 116 22.88 -22.14 -6.56
CA LYS A 116 24.07 -21.75 -7.31
C LYS A 116 24.31 -20.27 -7.10
N VAL A 117 25.58 -19.89 -6.96
CA VAL A 117 25.93 -18.47 -6.92
C VAL A 117 25.49 -17.83 -8.22
N GLY A 118 24.70 -16.76 -8.11
CA GLY A 118 24.05 -16.15 -9.24
C GLY A 118 22.60 -16.54 -9.41
N GLY A 119 22.15 -17.59 -8.74
CA GLY A 119 20.77 -18.02 -8.79
C GLY A 119 20.57 -19.30 -9.59
N ASN A 120 19.86 -20.26 -9.00
CA ASN A 120 19.53 -21.50 -9.69
C ASN A 120 18.15 -21.33 -10.32
N TYR A 121 18.13 -21.18 -11.65
CA TYR A 121 16.90 -20.96 -12.38
C TYR A 121 16.37 -22.25 -12.99
N ASN A 122 16.65 -23.38 -12.35
CA ASN A 122 16.08 -24.67 -12.73
C ASN A 122 14.70 -24.85 -12.11
N TYR A 123 14.61 -24.66 -10.80
CA TYR A 123 13.41 -25.00 -10.05
C TYR A 123 12.37 -23.90 -10.20
N LEU A 124 11.20 -24.26 -10.73
CA LEU A 124 10.11 -23.34 -10.97
C LEU A 124 8.90 -23.72 -10.15
N TYR A 125 8.00 -22.76 -9.98
CA TYR A 125 6.69 -22.99 -9.41
C TYR A 125 5.66 -22.26 -10.25
N ARG A 126 4.42 -22.76 -10.21
CA ARG A 126 3.33 -22.08 -10.90
C ARG A 126 2.83 -20.93 -10.05
N LEU A 127 2.82 -19.73 -10.61
CA LEU A 127 2.34 -18.55 -9.91
C LEU A 127 0.90 -18.20 -10.27
N PHE A 128 0.49 -18.43 -11.52
CA PHE A 128 -0.83 -18.02 -12.00
C PHE A 128 -1.63 -19.24 -12.40
N ARG A 129 -2.86 -19.33 -11.87
CA ARG A 129 -3.81 -20.36 -12.24
C ARG A 129 -5.20 -19.88 -11.86
N LYS A 130 -6.20 -20.26 -12.65
CA LYS A 130 -7.55 -19.79 -12.41
C LYS A 130 -8.23 -20.52 -11.27
N SER A 131 -7.89 -21.80 -11.05
CA SER A 131 -8.52 -22.60 -10.03
C SER A 131 -7.47 -23.37 -9.23
N ASN A 132 -7.84 -23.74 -8.01
CA ASN A 132 -6.99 -24.60 -7.21
C ASN A 132 -6.93 -26.00 -7.81
N LEU A 133 -5.79 -26.65 -7.63
CA LEU A 133 -5.65 -28.03 -8.08
C LEU A 133 -6.53 -28.96 -7.26
N LYS A 134 -6.96 -30.05 -7.89
CA LYS A 134 -7.54 -31.15 -7.15
C LYS A 134 -6.42 -31.90 -6.43
N PRO A 135 -6.77 -32.72 -5.44
CA PRO A 135 -5.73 -33.53 -4.77
C PRO A 135 -4.98 -34.42 -5.75
N PHE A 136 -3.65 -34.37 -5.67
CA PHE A 136 -2.74 -35.15 -6.49
C PHE A 136 -2.86 -34.82 -7.97
N GLU A 137 -3.34 -33.63 -8.30
CA GLU A 137 -3.38 -33.17 -9.68
C GLU A 137 -2.05 -32.54 -10.06
N ARG A 138 -1.66 -32.73 -11.33
CA ARG A 138 -0.38 -32.27 -11.84
C ARG A 138 -0.62 -31.48 -13.12
N ASP A 139 -0.22 -30.20 -13.12
CA ASP A 139 -0.46 -29.29 -14.25
C ASP A 139 0.89 -28.81 -14.76
N ILE A 140 1.25 -29.22 -15.98
CA ILE A 140 2.53 -28.86 -16.58
C ILE A 140 2.34 -27.93 -17.78
N SER A 141 1.18 -27.28 -17.88
CA SER A 141 0.94 -26.39 -19.00
C SER A 141 1.73 -25.10 -18.87
N THR A 142 2.14 -24.56 -20.02
CA THR A 142 2.86 -23.29 -20.07
C THR A 142 2.09 -22.24 -20.87
N GLU A 143 0.77 -22.38 -20.92
CA GLU A 143 -0.07 -21.43 -21.65
C GLU A 143 -0.03 -20.06 -21.01
N ILE A 144 0.01 -19.01 -21.82
CA ILE A 144 0.10 -17.65 -21.29
C ILE A 144 -1.16 -17.33 -20.50
N TYR A 145 -0.97 -16.83 -19.28
CA TYR A 145 -2.08 -16.56 -18.38
C TYR A 145 -2.73 -15.23 -18.72
N GLN A 146 -4.02 -15.26 -19.02
CA GLN A 146 -4.79 -14.06 -19.35
C GLN A 146 -5.35 -13.47 -18.06
N ALA A 147 -4.77 -12.36 -17.62
CA ALA A 147 -5.20 -11.68 -16.40
C ALA A 147 -6.29 -10.64 -16.65
N GLY A 148 -6.52 -10.27 -17.90
CA GLY A 148 -7.56 -9.31 -18.23
C GLY A 148 -8.57 -9.87 -19.22
N SER A 149 -9.26 -8.99 -19.94
CA SER A 149 -10.29 -9.41 -20.88
C SER A 149 -9.75 -9.66 -22.28
N THR A 150 -8.58 -9.13 -22.61
CA THR A 150 -8.02 -9.28 -23.95
C THR A 150 -7.31 -10.63 -24.08
N PRO A 151 -7.60 -11.41 -25.12
CA PRO A 151 -6.88 -12.67 -25.31
C PRO A 151 -5.39 -12.42 -25.55
N CYS A 152 -4.59 -13.42 -25.20
CA CYS A 152 -3.14 -13.30 -25.27
C CYS A 152 -2.56 -13.75 -26.61
N ASN A 153 -3.18 -14.74 -27.25
CA ASN A 153 -2.71 -15.28 -28.53
C ASN A 153 -1.26 -15.76 -28.44
N GLY A 154 -0.90 -16.30 -27.28
CA GLY A 154 0.41 -16.89 -27.09
C GLY A 154 1.56 -15.92 -26.96
N VAL A 155 1.28 -14.65 -26.68
CA VAL A 155 2.30 -13.60 -26.62
C VAL A 155 2.28 -12.99 -25.23
N GLU A 156 3.42 -13.03 -24.55
CA GLU A 156 3.55 -12.37 -23.26
C GLU A 156 3.40 -10.87 -23.41
N GLY A 157 2.93 -10.22 -22.35
CA GLY A 157 2.76 -8.78 -22.37
C GLY A 157 2.01 -8.33 -21.13
N PHE A 158 1.48 -7.12 -21.20
CA PHE A 158 0.64 -6.63 -20.10
C PHE A 158 -0.63 -7.46 -20.02
N ASN A 159 -0.99 -7.87 -18.80
CA ASN A 159 -2.14 -8.71 -18.53
C ASN A 159 -2.04 -10.08 -19.20
N CYS A 160 -0.84 -10.46 -19.63
CA CYS A 160 -0.60 -11.73 -20.33
C CYS A 160 0.77 -12.23 -19.88
N TYR A 161 0.79 -13.07 -18.85
CA TYR A 161 2.02 -13.43 -18.17
C TYR A 161 2.30 -14.92 -18.30
N PHE A 162 3.58 -15.26 -18.39
CA PHE A 162 3.99 -16.65 -18.28
C PHE A 162 3.62 -17.16 -16.90
N PRO A 163 2.99 -18.34 -16.80
CA PRO A 163 2.44 -18.77 -15.50
C PRO A 163 3.46 -19.30 -14.52
N LEU A 164 4.69 -19.58 -14.95
CA LEU A 164 5.71 -20.14 -14.09
C LEU A 164 6.74 -19.08 -13.71
N GLN A 165 7.33 -19.24 -12.54
CA GLN A 165 8.36 -18.34 -12.03
C GLN A 165 9.50 -19.17 -11.46
N SER A 166 10.71 -18.61 -11.55
CA SER A 166 11.90 -19.27 -11.03
C SER A 166 12.13 -18.87 -9.58
N TYR A 167 12.56 -19.84 -8.77
CA TYR A 167 12.92 -19.53 -7.39
C TYR A 167 14.21 -18.73 -7.32
N GLY A 168 15.18 -19.07 -8.16
CA GLY A 168 16.49 -18.44 -8.11
C GLY A 168 17.18 -18.70 -6.79
N PHE A 169 17.39 -19.97 -6.45
CA PHE A 169 17.99 -20.32 -5.18
C PHE A 169 19.46 -19.91 -5.14
N GLN A 170 19.80 -19.03 -4.20
CA GLN A 170 21.17 -18.61 -3.98
C GLN A 170 21.67 -19.12 -2.63
N PRO A 171 22.95 -19.50 -2.54
CA PRO A 171 23.44 -20.13 -1.29
C PRO A 171 23.30 -19.24 -0.06
N THR A 172 23.21 -17.92 -0.23
CA THR A 172 23.18 -16.98 0.88
C THR A 172 21.78 -16.55 1.27
N ASN A 173 20.75 -17.20 0.71
CA ASN A 173 19.38 -16.90 1.10
C ASN A 173 19.17 -17.16 2.59
N GLY A 174 18.22 -16.45 3.19
CA GLY A 174 17.70 -16.86 4.48
C GLY A 174 17.11 -18.26 4.39
N VAL A 175 17.12 -18.96 5.53
CA VAL A 175 16.79 -20.39 5.51
C VAL A 175 15.39 -20.62 4.94
N GLY A 176 14.47 -19.69 5.21
CA GLY A 176 13.13 -19.81 4.65
C GLY A 176 13.07 -19.65 3.15
N TYR A 177 14.12 -19.12 2.54
CA TYR A 177 14.19 -18.93 1.10
C TYR A 177 15.10 -19.95 0.42
N GLN A 178 15.62 -20.92 1.15
CA GLN A 178 16.51 -21.94 0.61
C GLN A 178 15.71 -23.13 0.08
N PRO A 179 16.28 -23.88 -0.86
CA PRO A 179 15.53 -25.00 -1.45
C PRO A 179 15.46 -26.19 -0.48
N TYR A 180 14.28 -26.79 -0.41
CA TYR A 180 14.06 -27.98 0.39
C TYR A 180 13.55 -29.10 -0.50
N ARG A 181 14.12 -30.28 -0.35
CA ARG A 181 13.67 -31.45 -1.09
C ARG A 181 12.61 -32.17 -0.29
N VAL A 182 11.49 -32.49 -0.95
CA VAL A 182 10.32 -33.08 -0.30
C VAL A 182 10.03 -34.41 -0.96
N VAL A 183 9.78 -35.43 -0.13
CA VAL A 183 9.26 -36.71 -0.60
C VAL A 183 7.95 -36.97 0.14
N VAL A 184 6.89 -37.21 -0.61
CA VAL A 184 5.56 -37.46 -0.06
C VAL A 184 5.20 -38.91 -0.36
N LEU A 185 5.19 -39.73 0.69
CA LEU A 185 4.74 -41.12 0.58
C LEU A 185 3.25 -41.17 0.91
N SER A 186 2.45 -41.68 -0.02
CA SER A 186 1.05 -41.98 0.24
C SER A 186 0.85 -43.49 0.20
N PHE A 187 0.02 -43.99 1.10
CA PHE A 187 -0.17 -45.43 1.28
C PHE A 187 -1.58 -45.79 0.84
N GLU A 188 -1.66 -46.70 -0.12
CA GLU A 188 -2.96 -47.12 -0.61
C GLU A 188 -3.43 -48.38 0.07
N LEU A 189 -4.72 -48.47 0.34
CA LEU A 189 -5.32 -49.64 0.95
C LEU A 189 -6.60 -49.92 0.15
N LEU A 190 -6.59 -50.92 -0.72
CA LEU A 190 -7.71 -51.24 -1.60
C LEU A 190 -8.06 -52.72 -1.46
N HIS A 191 -9.18 -53.10 -2.08
CA HIS A 191 -9.60 -54.50 -2.09
C HIS A 191 -8.84 -55.23 -3.19
N ALA A 192 -7.55 -55.43 -2.93
CA ALA A 192 -6.64 -56.08 -3.86
C ALA A 192 -5.47 -56.65 -3.06
N PRO A 193 -4.70 -57.57 -3.63
CA PRO A 193 -3.51 -58.06 -2.92
C PRO A 193 -2.55 -56.93 -2.56
N ALA A 194 -1.98 -57.02 -1.37
CA ALA A 194 -1.02 -56.03 -0.88
C ALA A 194 0.38 -56.42 -1.34
N THR A 195 1.06 -55.52 -2.05
CA THR A 195 2.34 -55.83 -2.65
C THR A 195 3.49 -55.00 -2.09
N VAL A 196 3.25 -54.23 -1.02
CA VAL A 196 4.31 -53.52 -0.32
C VAL A 196 4.15 -53.80 1.17
N CYS A 197 5.21 -54.29 1.80
CA CYS A 197 5.17 -54.66 3.21
C CYS A 197 6.49 -54.31 3.88
N GLY A 198 6.41 -53.88 5.14
CA GLY A 198 7.58 -53.75 5.97
C GLY A 198 8.20 -55.11 6.21
N PRO A 199 9.46 -55.14 6.65
CA PRO A 199 10.16 -56.43 6.77
C PRO A 199 9.52 -57.38 7.77
N LYS A 200 8.98 -56.86 8.88
CA LYS A 200 8.42 -57.72 9.91
C LYS A 200 7.21 -58.51 9.44
N LYS A 201 6.53 -58.05 8.40
CA LYS A 201 5.32 -58.72 7.93
C LYS A 201 5.27 -58.78 6.40
N GLU B 1 -8.10 0.75 -21.15
CA GLU B 1 -7.67 1.55 -20.02
C GLU B 1 -7.99 0.83 -18.70
N VAL B 2 -7.00 0.74 -17.82
CA VAL B 2 -7.08 -0.05 -16.60
C VAL B 2 -7.40 0.86 -15.43
N GLN B 3 -8.46 0.53 -14.69
CA GLN B 3 -8.95 1.40 -13.64
C GLN B 3 -9.51 0.57 -12.48
N LEU B 4 -9.14 0.96 -11.26
CA LEU B 4 -9.76 0.47 -10.04
C LEU B 4 -10.46 1.64 -9.37
N VAL B 5 -11.78 1.56 -9.25
CA VAL B 5 -12.60 2.63 -8.68
C VAL B 5 -13.21 2.12 -7.38
N GLU B 6 -12.86 2.75 -6.27
CA GLU B 6 -13.31 2.31 -4.96
C GLU B 6 -14.44 3.19 -4.44
N SER B 7 -15.23 2.60 -3.55
CA SER B 7 -16.35 3.29 -2.93
C SER B 7 -16.67 2.58 -1.62
N GLY B 8 -17.55 3.21 -0.83
CA GLY B 8 -18.03 2.63 0.40
C GLY B 8 -17.47 3.23 1.66
N GLY B 9 -16.47 4.12 1.55
CA GLY B 9 -15.93 4.75 2.74
C GLY B 9 -16.93 5.65 3.41
N GLY B 10 -16.78 5.81 4.71
CA GLY B 10 -17.71 6.63 5.48
C GLY B 10 -17.39 6.63 6.94
N LEU B 11 -18.36 7.07 7.74
CA LEU B 11 -18.22 7.20 9.18
C LEU B 11 -18.95 6.04 9.87
N VAL B 12 -18.28 5.40 10.82
CA VAL B 12 -18.86 4.33 11.62
C VAL B 12 -18.54 4.58 13.09
N GLN B 13 -19.49 4.24 13.96
CA GLN B 13 -19.21 4.21 15.37
C GLN B 13 -18.32 3.01 15.69
N PRO B 14 -17.51 3.09 16.76
CA PRO B 14 -16.68 1.94 17.14
C PRO B 14 -17.52 0.69 17.35
N GLY B 15 -17.00 -0.44 16.87
CA GLY B 15 -17.73 -1.69 16.88
C GLY B 15 -18.67 -1.87 15.72
N GLY B 16 -18.91 -0.83 14.92
CA GLY B 16 -19.78 -0.93 13.77
C GLY B 16 -19.11 -1.60 12.59
N SER B 17 -19.86 -1.69 11.49
CA SER B 17 -19.41 -2.41 10.31
C SER B 17 -19.53 -1.54 9.07
N LEU B 18 -18.68 -1.84 8.09
CA LEU B 18 -18.68 -1.14 6.80
C LEU B 18 -18.23 -2.13 5.73
N ARG B 19 -18.62 -1.82 4.49
CA ARG B 19 -18.27 -2.66 3.35
C ARG B 19 -17.73 -1.78 2.22
N LEU B 20 -16.53 -2.06 1.75
CA LEU B 20 -15.92 -1.32 0.65
C LEU B 20 -16.07 -2.09 -0.66
N SER B 21 -16.11 -1.34 -1.76
CA SER B 21 -16.19 -1.92 -3.09
C SER B 21 -15.04 -1.40 -3.94
N CYS B 22 -14.55 -2.23 -4.85
CA CYS B 22 -13.50 -1.85 -5.78
C CYS B 22 -13.92 -2.39 -7.15
N ALA B 23 -14.53 -1.53 -7.96
CA ALA B 23 -14.99 -1.90 -9.29
C ALA B 23 -13.84 -1.79 -10.28
N ALA B 24 -13.55 -2.88 -10.98
CA ALA B 24 -12.41 -2.95 -11.88
C ALA B 24 -12.86 -2.93 -13.33
N SER B 25 -12.02 -2.31 -14.17
CA SER B 25 -12.20 -2.32 -15.61
C SER B 25 -10.83 -2.47 -16.26
N GLY B 26 -10.74 -3.34 -17.26
CA GLY B 26 -9.47 -3.71 -17.83
C GLY B 26 -8.72 -4.76 -17.04
N ILE B 27 -9.33 -5.28 -15.97
CA ILE B 27 -8.72 -6.28 -15.11
C ILE B 27 -9.82 -7.22 -14.67
N THR B 28 -9.62 -8.52 -14.88
CA THR B 28 -10.55 -9.53 -14.39
C THR B 28 -10.19 -9.85 -12.94
N VAL B 29 -11.01 -9.36 -12.01
CA VAL B 29 -10.72 -9.52 -10.58
C VAL B 29 -10.54 -10.98 -10.23
N SER B 30 -11.47 -11.83 -10.70
CA SER B 30 -11.46 -13.25 -10.37
C SER B 30 -10.24 -13.99 -10.91
N SER B 31 -9.46 -13.37 -11.80
CA SER B 31 -8.27 -13.99 -12.36
C SER B 31 -6.98 -13.51 -11.73
N ASN B 32 -7.05 -12.64 -10.72
CA ASN B 32 -5.88 -11.96 -10.20
C ASN B 32 -5.75 -12.16 -8.70
N TYR B 33 -4.53 -11.94 -8.22
CA TYR B 33 -4.32 -11.61 -6.81
C TYR B 33 -4.79 -10.19 -6.57
N MET B 34 -5.75 -10.02 -5.67
CA MET B 34 -6.29 -8.70 -5.33
C MET B 34 -6.03 -8.42 -3.87
N THR B 35 -5.55 -7.21 -3.57
CA THR B 35 -5.16 -6.84 -2.22
C THR B 35 -5.88 -5.55 -1.79
N TRP B 36 -5.99 -5.39 -0.48
CA TRP B 36 -6.35 -4.13 0.14
C TRP B 36 -5.17 -3.63 0.96
N VAL B 37 -4.86 -2.34 0.83
CA VAL B 37 -3.78 -1.70 1.56
C VAL B 37 -4.32 -0.41 2.15
N ARG B 38 -4.06 -0.17 3.43
CA ARG B 38 -4.60 1.00 4.11
C ARG B 38 -3.48 1.90 4.60
N GLN B 39 -3.84 3.17 4.83
CA GLN B 39 -2.89 4.19 5.25
C GLN B 39 -3.58 5.09 6.26
N ALA B 40 -3.21 4.96 7.54
CA ALA B 40 -3.75 5.85 8.56
C ALA B 40 -3.27 7.28 8.30
N PRO B 41 -4.06 8.29 8.69
CA PRO B 41 -3.66 9.68 8.42
C PRO B 41 -2.28 10.03 8.95
N GLY B 42 -1.38 10.40 8.04
CA GLY B 42 -0.03 10.81 8.39
C GLY B 42 0.99 9.70 8.47
N LYS B 43 0.58 8.44 8.33
CA LYS B 43 1.47 7.30 8.50
C LYS B 43 1.72 6.62 7.16
N GLY B 44 2.39 5.47 7.21
CA GLY B 44 2.75 4.72 6.01
C GLY B 44 1.70 3.70 5.65
N LEU B 45 2.06 2.85 4.68
CA LEU B 45 1.15 1.87 4.12
C LEU B 45 1.18 0.58 4.95
N GLU B 46 0.02 -0.06 5.07
CA GLU B 46 -0.11 -1.33 5.78
C GLU B 46 -0.98 -2.27 4.96
N TRP B 47 -0.45 -3.44 4.64
CA TRP B 47 -1.23 -4.45 3.93
C TRP B 47 -2.35 -4.98 4.82
N VAL B 48 -3.53 -5.19 4.21
CA VAL B 48 -4.72 -5.64 4.93
C VAL B 48 -5.05 -7.09 4.62
N SER B 49 -5.35 -7.41 3.36
CA SER B 49 -5.71 -8.77 3.00
C SER B 49 -5.44 -9.00 1.52
N VAL B 50 -5.58 -10.26 1.11
CA VAL B 50 -5.38 -10.67 -0.28
C VAL B 50 -6.34 -11.82 -0.57
N ILE B 51 -6.77 -11.91 -1.83
CA ILE B 51 -7.59 -13.02 -2.30
C ILE B 51 -6.99 -13.53 -3.60
N TYR B 52 -6.80 -14.85 -3.69
CA TYR B 52 -6.22 -15.48 -4.86
C TYR B 52 -7.29 -15.70 -5.93
N SER B 53 -6.83 -15.94 -7.17
CA SER B 53 -7.78 -16.29 -8.22
C SER B 53 -8.51 -17.58 -7.90
N GLY B 54 -7.81 -18.53 -7.29
CA GLY B 54 -8.42 -19.77 -6.85
C GLY B 54 -9.31 -19.66 -5.63
N GLY B 55 -9.27 -18.53 -4.93
CA GLY B 55 -10.20 -18.27 -3.85
C GLY B 55 -9.59 -18.23 -2.46
N SER B 56 -8.33 -18.63 -2.29
CA SER B 56 -7.70 -18.56 -0.99
C SER B 56 -7.58 -17.10 -0.54
N THR B 57 -7.73 -16.89 0.76
CA THR B 57 -7.66 -15.56 1.33
C THR B 57 -6.70 -15.54 2.51
N PHE B 58 -6.06 -14.38 2.72
CA PHE B 58 -5.12 -14.20 3.81
C PHE B 58 -5.26 -12.77 4.34
N TYR B 59 -5.00 -12.60 5.63
CA TYR B 59 -5.22 -11.33 6.30
C TYR B 59 -4.04 -11.00 7.20
N ALA B 60 -3.85 -9.70 7.44
CA ALA B 60 -2.87 -9.27 8.42
C ALA B 60 -3.35 -9.61 9.83
N ASP B 61 -2.40 -9.68 10.76
CA ASP B 61 -2.72 -10.02 12.14
C ASP B 61 -3.70 -9.04 12.74
N SER B 62 -3.56 -7.75 12.41
CA SER B 62 -4.36 -6.71 13.03
C SER B 62 -5.81 -6.69 12.56
N VAL B 63 -6.14 -7.41 11.49
CA VAL B 63 -7.50 -7.41 10.97
C VAL B 63 -8.12 -8.80 10.88
N ARG B 64 -7.35 -9.87 11.09
CA ARG B 64 -7.90 -11.21 10.95
C ARG B 64 -9.03 -11.44 11.95
N GLY B 65 -10.06 -12.15 11.49
CA GLY B 65 -11.23 -12.41 12.31
C GLY B 65 -12.26 -11.30 12.29
N ARG B 66 -11.92 -10.10 11.83
CA ARG B 66 -12.86 -9.00 11.72
C ARG B 66 -13.11 -8.55 10.30
N PHE B 67 -12.18 -8.76 9.38
CA PHE B 67 -12.33 -8.37 7.99
C PHE B 67 -12.55 -9.61 7.12
N THR B 68 -13.23 -9.41 6.00
CA THR B 68 -13.45 -10.48 5.03
C THR B 68 -13.37 -9.93 3.62
N ILE B 69 -12.42 -10.43 2.85
CA ILE B 69 -12.24 -10.05 1.46
C ILE B 69 -13.05 -11.00 0.59
N SER B 70 -13.69 -10.47 -0.45
CA SER B 70 -14.50 -11.29 -1.35
C SER B 70 -14.62 -10.58 -2.69
N ARG B 71 -15.32 -11.22 -3.61
CA ARG B 71 -15.41 -10.73 -4.97
C ARG B 71 -16.77 -11.13 -5.56
N ASP B 72 -17.10 -10.51 -6.69
CA ASP B 72 -18.31 -10.83 -7.45
C ASP B 72 -17.94 -10.74 -8.92
N ASN B 73 -17.79 -11.90 -9.57
CA ASN B 73 -17.33 -11.92 -10.96
C ASN B 73 -18.28 -11.16 -11.87
N SER B 74 -19.59 -11.28 -11.64
CA SER B 74 -20.55 -10.66 -12.54
C SER B 74 -20.43 -9.14 -12.54
N LYS B 75 -20.04 -8.55 -11.42
CA LYS B 75 -19.79 -7.12 -11.36
C LYS B 75 -18.31 -6.76 -11.48
N ASN B 76 -17.44 -7.78 -11.60
CA ASN B 76 -15.99 -7.58 -11.63
C ASN B 76 -15.54 -6.65 -10.52
N THR B 77 -15.95 -6.97 -9.29
CA THR B 77 -15.81 -6.09 -8.15
C THR B 77 -15.15 -6.82 -6.99
N LEU B 78 -14.19 -6.13 -6.36
CA LEU B 78 -13.54 -6.60 -5.14
C LEU B 78 -14.24 -5.97 -3.94
N TYR B 79 -14.35 -6.73 -2.85
CA TYR B 79 -15.03 -6.27 -1.65
C TYR B 79 -14.13 -6.43 -0.43
N LEU B 80 -14.33 -5.54 0.54
CA LEU B 80 -13.73 -5.67 1.86
C LEU B 80 -14.83 -5.46 2.90
N GLN B 81 -15.23 -6.54 3.57
CA GLN B 81 -16.22 -6.46 4.62
C GLN B 81 -15.51 -6.23 5.95
N MET B 82 -15.85 -5.13 6.61
CA MET B 82 -15.18 -4.72 7.85
C MET B 82 -16.19 -4.80 9.00
N ASN B 83 -15.86 -5.57 10.03
CA ASN B 83 -16.69 -5.70 11.21
C ASN B 83 -15.86 -5.38 12.45
N SER B 84 -16.56 -5.02 13.53
CA SER B 84 -15.93 -4.73 14.82
C SER B 84 -14.86 -3.65 14.69
N LEU B 85 -15.18 -2.59 13.95
CA LEU B 85 -14.20 -1.57 13.63
C LEU B 85 -13.74 -0.84 14.89
N ARG B 86 -12.45 -0.53 14.94
CA ARG B 86 -11.88 0.21 16.06
C ARG B 86 -11.30 1.49 15.52
N ALA B 87 -10.96 2.43 16.40
CA ALA B 87 -10.44 3.73 16.00
C ALA B 87 -9.18 3.60 15.14
N GLU B 88 -8.37 2.57 15.39
CA GLU B 88 -7.14 2.38 14.62
C GLU B 88 -7.39 1.89 13.21
N ASP B 89 -8.62 1.50 12.87
CA ASP B 89 -8.95 1.17 11.50
C ASP B 89 -9.20 2.41 10.65
N THR B 90 -9.21 3.59 11.26
CA THR B 90 -9.36 4.83 10.51
C THR B 90 -8.18 5.00 9.56
N ALA B 91 -8.47 5.02 8.26
CA ALA B 91 -7.43 5.10 7.25
C ALA B 91 -8.08 5.29 5.89
N VAL B 92 -7.26 5.70 4.93
CA VAL B 92 -7.62 5.58 3.52
C VAL B 92 -7.29 4.16 3.07
N TYR B 93 -8.26 3.47 2.51
CA TYR B 93 -8.10 2.10 2.07
C TYR B 93 -7.95 2.06 0.55
N TYR B 94 -6.96 1.32 0.08
CA TYR B 94 -6.70 1.15 -1.34
C TYR B 94 -6.92 -0.31 -1.74
N CYS B 95 -7.49 -0.52 -2.92
CA CYS B 95 -7.47 -1.82 -3.56
C CYS B 95 -6.38 -1.83 -4.63
N ALA B 96 -5.69 -2.96 -4.77
CA ALA B 96 -4.57 -3.04 -5.69
C ALA B 96 -4.52 -4.41 -6.34
N ARG B 97 -4.18 -4.43 -7.62
CA ARG B 97 -3.88 -5.69 -8.30
C ARG B 97 -2.45 -6.09 -8.00
N ASP B 98 -2.27 -7.39 -7.74
CA ASP B 98 -0.99 -7.91 -7.25
C ASP B 98 -0.47 -8.94 -8.23
N LEU B 99 0.73 -8.72 -8.76
CA LEU B 99 1.37 -9.64 -9.69
C LEU B 99 2.50 -10.44 -9.05
N GLU B 100 2.74 -10.24 -7.77
CA GLU B 100 3.81 -10.92 -7.07
C GLU B 100 5.16 -10.79 -7.72
N MET B 101 5.81 -11.90 -8.00
CA MET B 101 7.12 -11.90 -8.62
C MET B 101 7.13 -11.37 -10.02
N ALA B 102 5.97 -11.34 -10.66
CA ALA B 102 5.84 -10.81 -12.01
C ALA B 102 5.56 -9.31 -12.08
N GLY B 103 5.53 -8.63 -10.96
CA GLY B 103 5.31 -7.22 -10.98
C GLY B 103 4.74 -6.50 -9.80
N ALA B 104 4.61 -7.18 -8.68
CA ALA B 104 4.10 -6.60 -7.45
C ALA B 104 2.76 -5.92 -7.57
N PHE B 105 2.55 -4.87 -6.77
CA PHE B 105 1.29 -4.13 -6.77
C PHE B 105 1.35 -3.06 -7.86
N ASP B 106 0.94 -3.43 -9.07
CA ASP B 106 1.16 -2.54 -10.22
C ASP B 106 0.00 -1.57 -10.46
N ILE B 107 -1.23 -1.94 -10.12
CA ILE B 107 -2.39 -1.08 -10.35
C ILE B 107 -3.05 -0.79 -9.01
N TRP B 108 -3.30 0.49 -8.74
CA TRP B 108 -3.90 0.93 -7.49
C TRP B 108 -5.17 1.72 -7.77
N GLY B 109 -6.14 1.63 -6.85
CA GLY B 109 -7.30 2.48 -6.88
C GLY B 109 -6.99 3.85 -6.32
N GLN B 110 -8.03 4.71 -6.30
CA GLN B 110 -7.86 6.07 -5.82
C GLN B 110 -8.01 6.20 -4.31
N GLY B 111 -8.65 5.24 -3.66
CA GLY B 111 -8.78 5.22 -2.22
C GLY B 111 -10.09 5.79 -1.74
N THR B 112 -10.59 5.25 -0.62
CA THR B 112 -11.74 5.79 0.08
C THR B 112 -11.37 5.95 1.56
N MET B 113 -11.87 7.02 2.17
CA MET B 113 -11.58 7.32 3.56
C MET B 113 -12.56 6.58 4.46
N VAL B 114 -12.04 5.96 5.51
CA VAL B 114 -12.85 5.26 6.51
C VAL B 114 -12.54 5.86 7.86
N THR B 115 -13.57 6.36 8.54
CA THR B 115 -13.41 7.01 9.85
C THR B 115 -14.23 6.25 10.88
N VAL B 116 -13.55 5.73 11.90
CA VAL B 116 -14.20 5.08 13.02
C VAL B 116 -14.15 6.04 14.20
N SER B 117 -15.31 6.60 14.57
CA SER B 117 -15.37 7.58 15.63
C SER B 117 -16.78 7.58 16.21
N SER B 118 -16.87 7.89 17.51
CA SER B 118 -18.17 8.04 18.13
C SER B 118 -18.82 9.37 17.80
N ALA B 119 -18.05 10.33 17.27
CA ALA B 119 -18.59 11.62 16.90
C ALA B 119 -19.53 11.51 15.70
N SER B 120 -20.52 12.39 15.66
CA SER B 120 -21.57 12.34 14.66
C SER B 120 -21.23 13.23 13.47
N THR B 121 -21.82 12.89 12.32
CA THR B 121 -21.61 13.68 11.11
C THR B 121 -22.09 15.11 11.31
N LYS B 122 -21.30 16.06 10.82
CA LYS B 122 -21.68 17.46 10.83
C LYS B 122 -21.22 18.11 9.53
N GLY B 123 -22.15 18.75 8.84
CA GLY B 123 -21.84 19.47 7.63
C GLY B 123 -21.13 20.77 7.94
N PRO B 124 -20.35 21.27 6.99
CA PRO B 124 -19.56 22.48 7.23
C PRO B 124 -20.32 23.77 6.92
N SER B 125 -19.84 24.84 7.53
CA SER B 125 -20.24 26.20 7.19
C SER B 125 -19.15 26.81 6.30
N VAL B 126 -19.56 27.42 5.20
CA VAL B 126 -18.63 27.98 4.22
C VAL B 126 -18.71 29.50 4.31
N PHE B 127 -17.59 30.13 4.64
CA PHE B 127 -17.50 31.58 4.73
C PHE B 127 -16.49 32.11 3.72
N PRO B 128 -16.74 33.28 3.16
CA PRO B 128 -15.81 33.84 2.16
C PRO B 128 -14.64 34.54 2.80
N LEU B 129 -13.47 34.40 2.16
CA LEU B 129 -12.29 35.20 2.49
C LEU B 129 -12.15 36.24 1.39
N ALA B 130 -12.63 37.45 1.66
CA ALA B 130 -12.80 38.43 0.61
C ALA B 130 -11.46 38.99 0.15
N PRO B 131 -11.30 39.26 -1.15
CA PRO B 131 -10.09 39.95 -1.61
C PRO B 131 -10.03 41.36 -1.05
N SER B 132 -8.82 41.81 -0.74
CA SER B 132 -8.63 43.08 -0.07
C SER B 132 -8.81 44.24 -1.03
N SER B 133 -9.16 45.40 -0.47
CA SER B 133 -9.29 46.61 -1.26
C SER B 133 -7.93 47.15 -1.69
N LYS B 134 -6.89 46.88 -0.90
CA LYS B 134 -5.53 47.34 -1.17
C LYS B 134 -4.69 46.17 -1.64
N SER B 135 -5.02 45.66 -2.83
CA SER B 135 -4.33 44.52 -3.42
C SER B 135 -3.19 45.02 -4.30
N THR B 136 -2.06 45.32 -3.65
CA THR B 136 -0.88 45.83 -4.34
C THR B 136 0.26 44.83 -4.38
N SER B 137 0.03 43.60 -3.91
CA SER B 137 1.04 42.55 -3.99
C SER B 137 1.18 42.12 -5.44
N GLY B 138 2.29 42.51 -6.07
CA GLY B 138 2.41 42.36 -7.52
C GLY B 138 1.24 43.02 -8.21
N GLY B 139 0.67 42.30 -9.17
CA GLY B 139 -0.69 42.55 -9.62
C GLY B 139 -1.66 41.54 -9.05
N THR B 140 -1.23 40.72 -8.11
CA THR B 140 -1.99 39.58 -7.63
C THR B 140 -2.87 39.97 -6.45
N ALA B 141 -4.00 39.28 -6.34
CA ALA B 141 -4.89 39.38 -5.19
C ALA B 141 -5.24 37.98 -4.72
N ALA B 142 -5.41 37.83 -3.41
CA ALA B 142 -5.75 36.55 -2.80
C ALA B 142 -7.19 36.57 -2.34
N LEU B 143 -7.89 35.47 -2.57
CA LEU B 143 -9.23 35.27 -2.06
C LEU B 143 -9.40 33.78 -1.78
N GLY B 144 -10.50 33.42 -1.12
CA GLY B 144 -10.72 32.02 -0.84
C GLY B 144 -11.96 31.80 0.00
N CYS B 145 -12.09 30.56 0.45
CA CYS B 145 -13.22 30.12 1.25
C CYS B 145 -12.72 29.46 2.53
N LEU B 146 -13.41 29.76 3.63
CA LEU B 146 -13.15 29.12 4.91
C LEU B 146 -14.23 28.07 5.15
N VAL B 147 -13.82 26.80 5.13
CA VAL B 147 -14.74 25.70 5.34
C VAL B 147 -14.57 25.28 6.79
N LYS B 148 -15.57 25.55 7.60
CA LYS B 148 -15.44 25.31 9.02
C LYS B 148 -16.43 24.39 9.70
N ASP B 149 -15.98 23.75 10.76
CA ASP B 149 -16.82 22.88 11.57
C ASP B 149 -17.51 21.67 10.99
N TYR B 150 -16.72 20.78 10.43
CA TYR B 150 -17.27 19.58 9.88
C TYR B 150 -16.69 18.29 10.39
N PHE B 151 -17.49 17.23 10.39
CA PHE B 151 -16.97 15.93 10.71
C PHE B 151 -17.86 15.05 9.88
N PRO B 152 -17.33 13.97 9.32
CA PRO B 152 -15.90 13.72 9.28
C PRO B 152 -15.20 14.24 8.06
N GLU B 153 -13.97 13.78 7.86
CA GLU B 153 -13.23 14.15 6.68
C GLU B 153 -13.64 13.13 5.59
N PRO B 154 -13.59 13.49 4.26
CA PRO B 154 -12.99 14.69 3.68
C PRO B 154 -14.01 15.67 3.09
N VAL B 155 -13.56 16.89 2.80
CA VAL B 155 -14.30 17.83 1.99
C VAL B 155 -13.49 18.06 0.71
N THR B 156 -14.19 18.22 -0.40
CA THR B 156 -13.58 18.59 -1.67
C THR B 156 -13.95 20.04 -1.98
N VAL B 157 -12.96 20.80 -2.44
CA VAL B 157 -13.17 22.21 -2.78
C VAL B 157 -12.64 22.43 -4.19
N SER B 158 -13.54 22.78 -5.10
CA SER B 158 -13.17 23.23 -6.44
C SER B 158 -13.53 24.69 -6.59
N TRP B 159 -13.00 25.31 -7.64
CA TRP B 159 -13.21 26.73 -7.92
C TRP B 159 -13.78 26.89 -9.31
N ASN B 160 -14.89 27.61 -9.40
CA ASN B 160 -15.57 27.85 -10.68
C ASN B 160 -15.87 26.54 -11.40
N SER B 161 -16.38 25.58 -10.64
CA SER B 161 -16.76 24.26 -11.15
C SER B 161 -15.57 23.54 -11.78
N GLY B 162 -14.38 23.75 -11.24
CA GLY B 162 -13.18 23.09 -11.72
C GLY B 162 -12.46 23.80 -12.84
N ALA B 163 -13.02 24.89 -13.37
CA ALA B 163 -12.38 25.62 -14.46
C ALA B 163 -11.20 26.45 -13.99
N LEU B 164 -11.09 26.71 -12.70
CA LEU B 164 -9.99 27.50 -12.13
C LEU B 164 -9.15 26.57 -11.27
N THR B 165 -7.93 26.26 -11.75
CA THR B 165 -7.01 25.39 -11.02
C THR B 165 -5.65 26.02 -10.76
N SER B 166 -5.27 27.03 -11.53
CA SER B 166 -4.00 27.70 -11.34
C SER B 166 -4.04 28.61 -10.12
N GLY B 167 -3.00 28.54 -9.28
CA GLY B 167 -2.95 29.40 -8.13
C GLY B 167 -3.82 28.97 -6.96
N VAL B 168 -4.37 27.77 -7.00
CA VAL B 168 -5.29 27.28 -5.98
C VAL B 168 -4.51 26.49 -4.93
N HIS B 169 -4.76 26.79 -3.66
CA HIS B 169 -4.20 26.03 -2.55
C HIS B 169 -5.34 25.65 -1.61
N THR B 170 -5.63 24.36 -1.52
CA THR B 170 -6.55 23.83 -0.52
C THR B 170 -5.73 23.23 0.61
N PHE B 171 -5.90 23.76 1.80
CA PHE B 171 -5.00 23.39 2.88
C PHE B 171 -5.49 22.12 3.57
N PRO B 172 -4.55 21.32 4.08
CA PRO B 172 -4.93 20.15 4.89
C PRO B 172 -5.81 20.57 6.05
N ALA B 173 -6.89 19.79 6.26
CA ALA B 173 -7.80 20.08 7.36
C ALA B 173 -7.06 19.97 8.69
N VAL B 174 -7.47 20.82 9.64
CA VAL B 174 -6.94 20.79 11.00
C VAL B 174 -8.09 20.47 11.94
N LEU B 175 -7.82 19.60 12.92
CA LEU B 175 -8.80 19.29 13.94
C LEU B 175 -8.78 20.37 15.01
N GLN B 176 -9.95 20.90 15.34
CA GLN B 176 -10.05 21.96 16.33
C GLN B 176 -10.32 21.36 17.71
N SER B 177 -10.30 22.23 18.73
CA SER B 177 -10.58 21.78 20.09
C SER B 177 -11.98 21.18 20.20
N SER B 178 -12.92 21.68 19.41
CA SER B 178 -14.29 21.17 19.44
C SER B 178 -14.40 19.74 18.91
N GLY B 179 -13.35 19.21 18.28
CA GLY B 179 -13.41 17.92 17.64
C GLY B 179 -13.86 17.94 16.20
N LEU B 180 -14.11 19.13 15.64
CA LEU B 180 -14.52 19.28 14.25
C LEU B 180 -13.34 19.78 13.41
N TYR B 181 -13.38 19.46 12.13
CA TYR B 181 -12.33 19.89 11.22
C TYR B 181 -12.64 21.27 10.64
N SER B 182 -11.62 21.85 10.00
CA SER B 182 -11.74 23.15 9.37
C SER B 182 -10.56 23.33 8.43
N LEU B 183 -10.82 23.82 7.22
CA LEU B 183 -9.76 24.12 6.28
C LEU B 183 -10.13 25.36 5.48
N SER B 184 -9.13 25.88 4.76
CA SER B 184 -9.31 26.99 3.85
C SER B 184 -8.79 26.59 2.48
N SER B 185 -9.44 27.13 1.44
CA SER B 185 -8.96 27.03 0.08
C SER B 185 -8.79 28.45 -0.45
N VAL B 186 -7.60 28.78 -0.91
CA VAL B 186 -7.30 30.12 -1.41
C VAL B 186 -6.90 30.02 -2.87
N VAL B 187 -6.97 31.16 -3.55
CA VAL B 187 -6.56 31.26 -4.95
C VAL B 187 -6.00 32.65 -5.19
N THR B 188 -4.89 32.71 -5.94
CA THR B 188 -4.24 33.95 -6.29
C THR B 188 -4.56 34.31 -7.73
N VAL B 189 -5.10 35.51 -7.95
CA VAL B 189 -5.51 35.96 -9.27
C VAL B 189 -5.02 37.38 -9.49
N PRO B 190 -4.92 37.81 -10.75
CA PRO B 190 -4.59 39.21 -11.02
C PRO B 190 -5.68 40.13 -10.48
N SER B 191 -5.25 41.25 -9.89
CA SER B 191 -6.18 42.19 -9.28
C SER B 191 -7.21 42.69 -10.30
N SER B 192 -6.77 42.92 -11.54
CA SER B 192 -7.69 43.40 -12.57
C SER B 192 -8.80 42.41 -12.87
N SER B 193 -8.58 41.12 -12.61
CA SER B 193 -9.61 40.13 -12.90
C SER B 193 -10.80 40.25 -11.94
N LEU B 194 -10.57 40.77 -10.73
CA LEU B 194 -11.70 41.18 -9.90
C LEU B 194 -12.43 42.33 -10.58
N GLY B 195 -13.69 42.08 -10.97
CA GLY B 195 -14.46 42.99 -11.80
C GLY B 195 -14.70 42.46 -13.19
N THR B 196 -13.84 41.57 -13.69
CA THR B 196 -14.05 40.89 -14.94
C THR B 196 -14.35 39.40 -14.77
N GLN B 197 -14.04 38.82 -13.61
CA GLN B 197 -14.22 37.40 -13.38
C GLN B 197 -14.94 37.17 -12.07
N THR B 198 -15.91 36.25 -12.10
CA THR B 198 -16.60 35.81 -10.90
C THR B 198 -15.89 34.59 -10.33
N TYR B 199 -15.73 34.58 -9.00
CA TYR B 199 -15.04 33.48 -8.32
C TYR B 199 -16.01 32.82 -7.35
N ILE B 200 -16.40 31.59 -7.66
CA ILE B 200 -17.24 30.77 -6.81
C ILE B 200 -16.44 29.56 -6.36
N CYS B 201 -16.52 29.23 -5.08
CA CYS B 201 -15.93 28.01 -4.56
C CYS B 201 -17.04 26.99 -4.32
N ASN B 202 -16.81 25.76 -4.78
CA ASN B 202 -17.77 24.68 -4.66
C ASN B 202 -17.26 23.71 -3.59
N VAL B 203 -18.01 23.61 -2.50
CA VAL B 203 -17.63 22.76 -1.37
C VAL B 203 -18.59 21.58 -1.32
N ASN B 204 -18.03 20.38 -1.32
CA ASN B 204 -18.80 19.15 -1.25
C ASN B 204 -18.33 18.34 -0.05
N HIS B 205 -19.27 18.04 0.86
CA HIS B 205 -19.01 17.18 2.01
C HIS B 205 -19.97 16.00 1.88
N LYS B 206 -19.50 14.94 1.22
CA LYS B 206 -20.36 13.78 0.96
C LYS B 206 -20.88 13.10 2.22
N PRO B 207 -20.10 12.94 3.31
CA PRO B 207 -20.66 12.29 4.51
C PRO B 207 -21.95 12.91 5.02
N SER B 208 -22.17 14.21 4.83
CA SER B 208 -23.40 14.85 5.28
C SER B 208 -24.31 15.27 4.14
N ASN B 209 -23.95 14.94 2.90
CA ASN B 209 -24.75 15.28 1.71
C ASN B 209 -25.02 16.78 1.64
N THR B 210 -23.96 17.57 1.79
CA THR B 210 -24.05 19.03 1.71
C THR B 210 -23.14 19.52 0.58
N LYS B 211 -23.75 20.08 -0.45
CA LYS B 211 -23.04 20.80 -1.50
C LYS B 211 -23.32 22.29 -1.31
N VAL B 212 -22.27 23.10 -1.32
CA VAL B 212 -22.40 24.53 -1.10
C VAL B 212 -21.58 25.26 -2.15
N ASP B 213 -22.24 26.12 -2.91
CA ASP B 213 -21.57 27.06 -3.80
C ASP B 213 -21.57 28.43 -3.14
N LYS B 214 -20.38 29.04 -3.06
CA LYS B 214 -20.25 30.34 -2.38
C LYS B 214 -19.49 31.35 -3.23
N LYS B 215 -20.18 32.43 -3.60
CA LYS B 215 -19.55 33.49 -4.40
C LYS B 215 -18.70 34.40 -3.52
N VAL B 216 -17.45 34.60 -3.92
CA VAL B 216 -16.53 35.43 -3.15
C VAL B 216 -16.36 36.75 -3.91
N GLU B 217 -16.80 37.84 -3.28
CA GLU B 217 -16.76 39.16 -3.91
C GLU B 217 -15.91 40.12 -3.10
N PRO B 218 -15.27 41.09 -3.76
CA PRO B 218 -14.60 42.16 -3.02
C PRO B 218 -15.58 42.89 -2.10
N LYS B 219 -15.13 43.17 -0.88
CA LYS B 219 -15.93 43.87 0.13
C LYS B 219 -17.25 43.17 0.41
N GLU C 1 8.00 -11.06 12.40
CA GLU C 1 7.79 -10.76 10.99
C GLU C 1 8.99 -10.03 10.40
N ILE C 2 8.97 -9.83 9.08
CA ILE C 2 10.03 -9.10 8.41
C ILE C 2 9.73 -7.61 8.53
N VAL C 3 10.65 -6.87 9.14
CA VAL C 3 10.50 -5.43 9.35
C VAL C 3 11.47 -4.70 8.45
N LEU C 4 10.95 -3.75 7.68
CA LEU C 4 11.77 -2.94 6.79
C LEU C 4 11.96 -1.55 7.39
N THR C 5 13.20 -1.16 7.60
CA THR C 5 13.55 0.16 8.10
C THR C 5 14.21 0.96 6.98
N GLN C 6 13.65 2.11 6.67
CA GLN C 6 14.16 2.97 5.61
C GLN C 6 15.01 4.08 6.21
N SER C 7 16.12 4.39 5.54
CA SER C 7 17.02 5.44 5.99
C SER C 7 17.49 6.21 4.77
N PRO C 8 17.64 7.54 4.91
CA PRO C 8 17.18 8.31 6.06
C PRO C 8 15.69 8.58 6.05
N GLY C 9 15.18 9.23 7.08
CA GLY C 9 13.75 9.54 7.16
C GLY C 9 13.35 10.68 6.24
N THR C 10 14.24 11.66 6.08
CA THR C 10 13.98 12.81 5.22
C THR C 10 15.22 13.10 4.39
N LEU C 11 14.99 13.56 3.16
CA LEU C 11 16.06 13.98 2.26
C LEU C 11 15.68 15.30 1.63
N SER C 12 16.68 16.19 1.52
CA SER C 12 16.50 17.50 0.89
C SER C 12 17.65 17.72 -0.08
N LEU C 13 17.38 17.59 -1.37
CA LEU C 13 18.41 17.68 -2.39
C LEU C 13 17.99 18.64 -3.49
N SER C 14 18.99 19.17 -4.19
CA SER C 14 18.77 20.11 -5.28
C SER C 14 18.45 19.37 -6.58
N PRO C 15 17.73 20.00 -7.50
CA PRO C 15 17.44 19.35 -8.77
C PRO C 15 18.72 19.04 -9.54
N GLY C 16 18.68 17.94 -10.29
CA GLY C 16 19.85 17.44 -10.98
C GLY C 16 20.76 16.57 -10.14
N GLU C 17 20.62 16.61 -8.81
CA GLU C 17 21.41 15.77 -7.93
C GLU C 17 20.86 14.35 -7.93
N ARG C 18 21.55 13.49 -7.17
CA ARG C 18 21.15 12.09 -7.07
C ARG C 18 20.73 11.75 -5.65
N ALA C 19 19.65 10.99 -5.51
CA ALA C 19 19.12 10.61 -4.21
C ALA C 19 19.35 9.11 -3.99
N THR C 20 19.96 8.77 -2.86
CA THR C 20 20.21 7.39 -2.47
C THR C 20 19.36 7.08 -1.25
N LEU C 21 18.39 6.18 -1.43
CA LEU C 21 17.47 5.77 -0.37
C LEU C 21 17.74 4.32 -0.01
N SER C 22 17.77 4.02 1.29
CA SER C 22 18.09 2.69 1.77
C SER C 22 16.87 2.03 2.41
N CYS C 23 16.80 0.72 2.25
CA CYS C 23 15.81 -0.13 2.92
C CYS C 23 16.55 -1.30 3.53
N ARG C 24 16.40 -1.50 4.84
CA ARG C 24 17.09 -2.55 5.56
C ARG C 24 16.06 -3.49 6.18
N ALA C 25 16.19 -4.78 5.88
CA ALA C 25 15.27 -5.79 6.37
C ALA C 25 15.83 -6.45 7.62
N SER C 26 14.94 -6.77 8.56
CA SER C 26 15.35 -7.43 9.80
C SER C 26 15.90 -8.83 9.57
N GLN C 27 15.53 -9.47 8.46
CA GLN C 27 16.15 -10.71 8.02
C GLN C 27 16.25 -10.67 6.50
N SER C 28 17.08 -11.53 5.95
CA SER C 28 17.37 -11.47 4.52
C SER C 28 16.16 -11.89 3.70
N VAL C 29 15.89 -11.14 2.63
CA VAL C 29 14.85 -11.44 1.67
C VAL C 29 15.50 -11.70 0.32
N SER C 30 14.87 -12.56 -0.47
CA SER C 30 15.29 -12.71 -1.86
C SER C 30 15.02 -11.41 -2.60
N SER C 31 15.95 -11.02 -3.46
CA SER C 31 15.79 -9.79 -4.24
C SER C 31 14.56 -9.86 -5.14
N SER C 32 14.08 -11.06 -5.45
CA SER C 32 12.89 -11.23 -6.28
C SER C 32 11.63 -10.69 -5.63
N TYR C 33 11.66 -10.37 -4.33
CA TYR C 33 10.46 -10.00 -3.59
C TYR C 33 10.54 -8.60 -3.00
N LEU C 34 11.35 -7.71 -3.56
CA LEU C 34 11.47 -6.35 -3.07
C LEU C 34 10.85 -5.38 -4.07
N ALA C 35 10.22 -4.32 -3.57
CA ALA C 35 9.58 -3.35 -4.45
C ALA C 35 9.69 -1.96 -3.84
N TRP C 36 9.68 -0.95 -4.72
CA TRP C 36 9.74 0.45 -4.34
C TRP C 36 8.54 1.19 -4.92
N TYR C 37 7.91 2.02 -4.10
CA TYR C 37 6.77 2.82 -4.52
C TYR C 37 7.03 4.29 -4.26
N GLN C 38 6.42 5.13 -5.09
CA GLN C 38 6.46 6.58 -4.93
C GLN C 38 5.04 7.06 -4.67
N GLN C 39 4.86 7.90 -3.65
CA GLN C 39 3.55 8.45 -3.31
C GLN C 39 3.65 9.97 -3.26
N LYS C 40 3.04 10.63 -4.23
CA LYS C 40 2.92 12.07 -4.27
C LYS C 40 1.72 12.52 -3.44
N PRO C 41 1.71 13.78 -2.99
CA PRO C 41 0.63 14.25 -2.11
C PRO C 41 -0.75 14.03 -2.71
N GLY C 42 -1.67 13.53 -1.88
CA GLY C 42 -3.05 13.32 -2.27
C GLY C 42 -3.27 12.25 -3.31
N GLN C 43 -2.28 11.40 -3.59
CA GLN C 43 -2.38 10.42 -4.64
C GLN C 43 -2.12 9.02 -4.09
N ALA C 44 -2.51 8.03 -4.88
CA ALA C 44 -2.23 6.64 -4.56
C ALA C 44 -0.75 6.33 -4.83
N PRO C 45 -0.21 5.31 -4.17
CA PRO C 45 1.18 4.91 -4.46
C PRO C 45 1.34 4.48 -5.90
N ARG C 46 2.54 4.75 -6.43
CA ARG C 46 2.86 4.37 -7.81
C ARG C 46 4.08 3.47 -7.81
N LEU C 47 3.93 2.27 -8.35
CA LEU C 47 5.01 1.30 -8.40
C LEU C 47 6.15 1.80 -9.27
N LEU C 48 7.36 1.83 -8.72
CA LEU C 48 8.56 2.21 -9.46
C LEU C 48 9.40 1.00 -9.87
N ILE C 49 9.64 0.09 -8.95
CA ILE C 49 10.58 -1.01 -9.14
C ILE C 49 10.02 -2.25 -8.46
N TYR C 50 10.09 -3.37 -9.15
CA TYR C 50 9.72 -4.63 -8.54
C TYR C 50 10.94 -5.51 -8.66
N GLY C 51 11.04 -6.53 -7.84
CA GLY C 51 12.15 -7.44 -7.89
C GLY C 51 13.51 -6.85 -7.71
N ALA C 52 13.64 -5.84 -6.86
CA ALA C 52 14.90 -5.17 -6.62
C ALA C 52 15.40 -4.29 -7.71
N SER C 53 15.54 -4.81 -8.90
CA SER C 53 16.12 -4.06 -10.00
C SER C 53 15.26 -3.81 -11.19
N SER C 54 14.03 -4.27 -11.18
CA SER C 54 13.20 -4.15 -12.37
C SER C 54 12.27 -2.98 -12.38
N ARG C 55 12.33 -2.20 -13.44
CA ARG C 55 11.50 -1.03 -13.55
C ARG C 55 10.13 -1.30 -14.02
N ALA C 56 9.17 -0.69 -13.37
CA ALA C 56 7.78 -0.82 -13.77
C ALA C 56 7.56 -0.07 -15.09
N THR C 57 6.40 -0.32 -15.69
CA THR C 57 6.08 0.30 -16.97
C THR C 57 5.97 1.81 -16.82
N GLY C 58 6.53 2.53 -17.81
CA GLY C 58 6.51 3.98 -17.80
C GLY C 58 7.52 4.63 -16.88
N ILE C 59 8.23 3.85 -16.07
CA ILE C 59 9.21 4.40 -15.14
C ILE C 59 10.52 4.62 -15.89
N PRO C 60 11.08 5.82 -15.90
CA PRO C 60 12.30 6.07 -16.66
C PRO C 60 13.51 5.42 -16.01
N ASP C 61 14.54 5.20 -16.84
CA ASP C 61 15.80 4.64 -16.36
C ASP C 61 16.45 5.48 -15.28
N ARG C 62 15.94 6.70 -15.05
CA ARG C 62 16.45 7.56 -13.99
C ARG C 62 16.32 6.89 -12.62
N PHE C 63 15.32 6.05 -12.43
CA PHE C 63 15.17 5.26 -11.20
C PHE C 63 15.85 3.91 -11.39
N SER C 64 16.62 3.50 -10.38
CA SER C 64 17.27 2.20 -10.40
C SER C 64 17.30 1.64 -8.99
N GLY C 65 16.92 0.38 -8.85
CA GLY C 65 16.97 -0.32 -7.58
C GLY C 65 18.09 -1.34 -7.58
N SER C 66 18.57 -1.67 -6.38
CA SER C 66 19.65 -2.64 -6.24
C SER C 66 19.64 -3.16 -4.81
N GLY C 67 20.38 -4.22 -4.60
CA GLY C 67 20.45 -4.80 -3.29
C GLY C 67 20.29 -6.26 -3.23
N SER C 68 20.67 -6.80 -2.09
CA SER C 68 20.59 -8.21 -1.88
C SER C 68 20.48 -8.41 -0.40
N GLY C 69 19.96 -9.54 0.02
CA GLY C 69 19.92 -9.84 1.42
C GLY C 69 19.13 -8.96 2.30
N THR C 70 19.79 -8.35 3.26
CA THR C 70 19.15 -7.46 4.17
C THR C 70 19.17 -6.04 3.70
N ASP C 71 19.85 -5.76 2.59
CA ASP C 71 20.02 -4.37 2.18
C ASP C 71 19.65 -4.00 0.76
N PHE C 72 18.73 -3.05 0.62
CA PHE C 72 18.26 -2.68 -0.70
C PHE C 72 18.26 -1.16 -0.84
N THR C 73 18.51 -0.70 -2.06
CA THR C 73 18.72 0.72 -2.33
C THR C 73 17.91 1.16 -3.54
N LEU C 74 17.27 2.31 -3.43
CA LEU C 74 16.63 3.00 -4.54
C LEU C 74 17.42 4.26 -4.84
N THR C 75 17.84 4.42 -6.10
CA THR C 75 18.62 5.57 -6.53
C THR C 75 17.83 6.36 -7.56
N ILE C 76 17.69 7.66 -7.33
CA ILE C 76 17.04 8.56 -8.26
C ILE C 76 18.08 9.60 -8.65
N SER C 77 18.67 9.45 -9.84
CA SER C 77 19.58 10.44 -10.37
C SER C 77 18.77 11.60 -10.97
N ARG C 78 19.48 12.64 -11.42
CA ARG C 78 18.91 13.79 -12.14
C ARG C 78 17.55 14.19 -11.58
N LEU C 79 17.57 14.57 -10.30
CA LEU C 79 16.32 14.89 -9.61
C LEU C 79 15.61 16.07 -10.25
N GLU C 80 14.29 16.00 -10.29
CA GLU C 80 13.41 17.04 -10.80
C GLU C 80 12.41 17.44 -9.73
N PRO C 81 11.83 18.65 -9.83
CA PRO C 81 10.87 19.09 -8.80
C PRO C 81 9.74 18.10 -8.52
N GLU C 82 9.23 17.41 -9.54
CA GLU C 82 8.15 16.45 -9.32
C GLU C 82 8.62 15.15 -8.70
N ASP C 83 9.89 15.03 -8.34
CA ASP C 83 10.34 13.88 -7.56
C ASP C 83 10.07 14.05 -6.07
N SER C 84 9.61 15.23 -5.66
CA SER C 84 9.28 15.48 -4.25
C SER C 84 8.07 14.61 -3.87
N ALA C 85 8.31 13.59 -3.06
CA ALA C 85 7.26 12.66 -2.67
C ALA C 85 7.78 11.81 -1.51
N VAL C 86 6.96 10.85 -1.11
CA VAL C 86 7.32 9.86 -0.10
C VAL C 86 7.57 8.54 -0.81
N TYR C 87 8.67 7.89 -0.49
CA TYR C 87 9.08 6.66 -1.16
C TYR C 87 9.08 5.50 -0.17
N TYR C 88 8.41 4.42 -0.55
CA TYR C 88 8.22 3.25 0.30
C TYR C 88 8.90 2.04 -0.33
N CYS C 89 9.59 1.25 0.49
CA CYS C 89 10.04 -0.07 0.08
C CYS C 89 9.07 -1.12 0.61
N GLN C 90 9.01 -2.25 -0.09
CA GLN C 90 8.06 -3.29 0.24
C GLN C 90 8.67 -4.66 -0.05
N GLN C 91 8.36 -5.64 0.79
CA GLN C 91 8.68 -7.02 0.52
C GLN C 91 7.39 -7.83 0.45
N TYR C 92 7.34 -8.79 -0.47
CA TYR C 92 6.15 -9.60 -0.69
C TYR C 92 6.49 -11.08 -0.81
N GLY C 93 7.55 -11.49 -0.16
CA GLY C 93 7.90 -12.90 -0.14
C GLY C 93 7.39 -13.57 1.10
N SER C 94 7.70 -13.02 2.26
CA SER C 94 7.12 -13.55 3.49
C SER C 94 6.04 -12.60 3.87
N SER C 95 4.80 -12.91 3.55
CA SER C 95 3.70 -11.99 3.75
C SER C 95 3.92 -10.70 2.99
N TYR C 96 3.50 -9.57 3.56
CA TYR C 96 3.60 -8.30 2.88
C TYR C 96 3.83 -7.21 3.90
N THR C 97 5.00 -6.60 3.89
CA THR C 97 5.32 -5.52 4.82
C THR C 97 5.97 -4.37 4.08
N PHE C 98 5.74 -3.18 4.58
CA PHE C 98 6.27 -2.00 3.96
C PHE C 98 7.19 -1.31 4.93
N GLY C 99 7.97 -0.38 4.44
CA GLY C 99 8.80 0.42 5.29
C GLY C 99 8.06 1.67 5.63
N GLN C 100 8.52 2.39 6.63
CA GLN C 100 7.86 3.61 7.07
C GLN C 100 7.94 4.79 6.15
N GLY C 101 8.93 4.81 5.29
CA GLY C 101 9.03 5.85 4.31
C GLY C 101 10.14 6.83 4.39
N THR C 102 10.52 7.38 3.25
CA THR C 102 11.53 8.41 3.21
C THR C 102 10.92 9.54 2.45
N LYS C 103 10.89 10.70 3.06
CA LYS C 103 10.27 11.87 2.45
C LYS C 103 11.34 12.68 1.74
N LEU C 104 11.26 12.75 0.41
CA LEU C 104 12.21 13.50 -0.39
C LEU C 104 11.66 14.89 -0.67
N GLU C 105 12.37 15.91 -0.21
CA GLU C 105 12.07 17.29 -0.55
C GLU C 105 13.10 17.78 -1.56
N ILE C 106 12.63 18.54 -2.55
CA ILE C 106 13.50 19.08 -3.60
C ILE C 106 13.77 20.54 -3.30
N LYS C 107 15.05 20.89 -3.19
CA LYS C 107 15.43 22.26 -2.88
C LYS C 107 15.17 23.18 -4.08
N ARG C 108 15.04 24.46 -3.79
CA ARG C 108 14.95 25.50 -4.81
C ARG C 108 15.57 26.76 -4.24
N THR C 109 15.54 27.83 -5.05
CA THR C 109 16.01 29.12 -4.57
C THR C 109 15.11 29.61 -3.44
N VAL C 110 15.69 30.40 -2.53
CA VAL C 110 14.90 30.98 -1.45
C VAL C 110 13.85 31.90 -2.04
N ALA C 111 12.60 31.72 -1.60
CA ALA C 111 11.48 32.52 -2.08
C ALA C 111 10.73 33.06 -0.89
N ALA C 112 10.63 34.39 -0.80
CA ALA C 112 9.89 35.00 0.29
C ALA C 112 8.40 34.78 0.11
N PRO C 113 7.64 34.67 1.20
CA PRO C 113 6.20 34.51 1.08
C PRO C 113 5.50 35.82 0.76
N SER C 114 4.36 35.71 0.09
CA SER C 114 3.42 36.81 -0.07
C SER C 114 2.35 36.66 1.00
N VAL C 115 2.14 37.73 1.78
CA VAL C 115 1.32 37.67 2.99
C VAL C 115 0.03 38.42 2.74
N PHE C 116 -1.10 37.75 2.99
CA PHE C 116 -2.43 38.35 2.92
C PHE C 116 -3.15 38.07 4.23
N ILE C 117 -3.84 39.08 4.75
CA ILE C 117 -4.65 38.95 5.95
C ILE C 117 -6.12 39.11 5.57
N PHE C 118 -6.96 38.23 6.12
CA PHE C 118 -8.39 38.23 5.81
C PHE C 118 -9.18 38.46 7.09
N PRO C 119 -9.98 39.52 7.17
CA PRO C 119 -10.85 39.70 8.33
C PRO C 119 -12.00 38.70 8.30
N PRO C 120 -12.73 38.54 9.40
CA PRO C 120 -13.88 37.64 9.37
C PRO C 120 -15.01 38.20 8.52
N SER C 121 -15.77 37.29 7.92
CA SER C 121 -16.92 37.69 7.12
C SER C 121 -18.05 38.16 8.03
N ASP C 122 -18.94 38.98 7.45
CA ASP C 122 -20.10 39.44 8.21
C ASP C 122 -21.06 38.31 8.50
N GLU C 123 -21.08 37.27 7.65
CA GLU C 123 -21.96 36.14 7.88
C GLU C 123 -21.51 35.32 9.09
N GLN C 124 -20.20 35.09 9.22
CA GLN C 124 -19.69 34.32 10.36
C GLN C 124 -19.84 35.10 11.66
N LEU C 125 -19.67 36.42 11.61
CA LEU C 125 -19.83 37.22 12.81
C LEU C 125 -21.24 37.11 13.37
N LYS C 126 -22.23 36.99 12.49
CA LYS C 126 -23.61 36.79 12.94
C LYS C 126 -23.74 35.51 13.76
N SER C 127 -22.94 34.50 13.45
CA SER C 127 -23.06 33.21 14.15
C SER C 127 -22.50 33.27 15.57
N GLY C 128 -21.46 34.08 15.79
CA GLY C 128 -20.95 34.24 17.13
C GLY C 128 -19.45 34.04 17.30
N THR C 129 -18.76 33.62 16.24
CA THR C 129 -17.32 33.47 16.26
C THR C 129 -16.68 34.29 15.14
N ALA C 130 -15.39 34.55 15.29
CA ALA C 130 -14.63 35.33 14.32
C ALA C 130 -13.33 34.60 14.03
N SER C 131 -13.17 34.16 12.78
CA SER C 131 -11.94 33.51 12.32
C SER C 131 -11.17 34.51 11.46
N VAL C 132 -9.98 34.89 11.94
CA VAL C 132 -9.07 35.75 11.18
C VAL C 132 -8.00 34.86 10.57
N VAL C 133 -7.78 34.99 9.26
CA VAL C 133 -6.93 34.08 8.50
C VAL C 133 -5.75 34.85 7.94
N CYS C 134 -4.55 34.31 8.12
CA CYS C 134 -3.34 34.81 7.51
C CYS C 134 -2.85 33.80 6.48
N LEU C 135 -2.46 34.29 5.30
CA LEU C 135 -2.02 33.43 4.21
C LEU C 135 -0.58 33.76 3.86
N LEU C 136 0.28 32.74 3.89
CA LEU C 136 1.68 32.83 3.47
C LEU C 136 1.81 31.97 2.21
N ASN C 137 1.90 32.63 1.07
CA ASN C 137 1.92 31.93 -0.21
C ASN C 137 3.21 31.77 -0.96
N ASN C 138 3.42 30.59 -1.53
CA ASN C 138 4.57 30.33 -2.39
C ASN C 138 5.96 30.61 -1.89
N PHE C 139 6.32 29.99 -0.80
CA PHE C 139 7.60 30.23 -0.21
C PHE C 139 8.53 29.04 -0.05
N TYR C 140 9.82 29.33 0.07
CA TYR C 140 10.80 28.29 0.33
C TYR C 140 11.95 28.95 1.09
N PRO C 141 12.48 28.30 2.14
CA PRO C 141 12.08 26.97 2.61
C PRO C 141 10.84 26.96 3.50
N ARG C 142 10.61 25.83 4.17
CA ARG C 142 9.35 25.63 4.87
C ARG C 142 9.25 26.44 6.15
N GLU C 143 10.38 26.68 6.83
CA GLU C 143 10.34 27.33 8.13
C GLU C 143 9.82 28.75 8.02
N ALA C 144 8.69 29.01 8.68
CA ALA C 144 8.11 30.34 8.76
C ALA C 144 7.58 30.56 10.15
N LYS C 145 7.59 31.82 10.58
CA LYS C 145 7.05 32.22 11.87
C LYS C 145 5.87 33.15 11.63
N VAL C 146 4.71 32.77 12.14
CA VAL C 146 3.50 33.61 12.07
C VAL C 146 3.14 34.01 13.49
N GLN C 147 3.21 35.32 13.76
CA GLN C 147 2.90 35.87 15.07
C GLN C 147 1.67 36.77 14.94
N TRP C 148 0.61 36.41 15.66
CA TRP C 148 -0.60 37.22 15.70
C TRP C 148 -0.47 38.29 16.76
N LYS C 149 -0.85 39.51 16.41
CA LYS C 149 -0.88 40.63 17.35
C LYS C 149 -2.23 41.30 17.27
N VAL C 150 -2.86 41.50 18.43
CA VAL C 150 -4.16 42.13 18.54
C VAL C 150 -4.00 43.34 19.44
N ASP C 151 -4.18 44.54 18.87
CA ASP C 151 -3.89 45.79 19.57
C ASP C 151 -2.46 45.79 20.11
N ASN C 152 -1.56 45.14 19.37
CA ASN C 152 -0.14 44.94 19.63
C ASN C 152 0.14 43.93 20.73
N ALA C 153 -0.88 43.29 21.31
CA ALA C 153 -0.66 42.22 22.26
C ALA C 153 -0.40 40.92 21.51
N LEU C 154 0.76 40.32 21.76
CA LEU C 154 1.09 39.03 21.15
C LEU C 154 0.10 37.97 21.60
N GLN C 155 -0.45 37.24 20.64
CA GLN C 155 -1.49 36.24 20.90
C GLN C 155 -0.89 34.84 20.92
N SER C 156 -1.30 34.04 21.89
CA SER C 156 -0.80 32.69 22.07
C SER C 156 -1.94 31.76 22.48
N GLY C 157 -1.82 30.49 22.07
CA GLY C 157 -2.87 29.52 22.31
C GLY C 157 -4.15 29.80 21.56
N ASN C 158 -4.06 30.60 20.51
CA ASN C 158 -5.22 31.21 19.88
C ASN C 158 -5.42 30.81 18.43
N SER C 159 -4.45 30.12 17.82
CA SER C 159 -4.43 29.95 16.38
C SER C 159 -3.99 28.54 16.01
N GLN C 160 -4.29 28.16 14.77
CA GLN C 160 -3.88 26.89 14.20
C GLN C 160 -3.32 27.12 12.80
N GLU C 161 -2.28 26.36 12.46
CA GLU C 161 -1.62 26.47 11.18
C GLU C 161 -1.85 25.24 10.32
N SER C 162 -1.77 25.44 9.01
CA SER C 162 -1.81 24.35 8.04
C SER C 162 -0.83 24.68 6.93
N VAL C 163 0.02 23.71 6.59
CA VAL C 163 1.02 23.87 5.55
C VAL C 163 0.70 22.90 4.42
N THR C 164 0.66 23.42 3.19
CA THR C 164 0.54 22.55 2.03
C THR C 164 1.77 21.67 1.91
N GLU C 165 1.61 20.55 1.22
CA GLU C 165 2.77 19.77 0.82
C GLU C 165 3.54 20.54 -0.25
N GLN C 166 4.79 20.14 -0.45
CA GLN C 166 5.62 20.82 -1.43
C GLN C 166 5.02 20.72 -2.81
N ASP C 167 4.95 21.86 -3.52
CA ASP C 167 4.39 21.88 -4.85
C ASP C 167 5.26 21.09 -5.82
N SER C 168 4.62 20.28 -6.67
CA SER C 168 5.35 19.42 -7.58
C SER C 168 6.04 20.19 -8.70
N LYS C 169 5.63 21.43 -8.95
CA LYS C 169 6.15 22.19 -10.09
C LYS C 169 7.17 23.25 -9.69
N ASP C 170 6.84 24.13 -8.76
CA ASP C 170 7.73 25.22 -8.37
C ASP C 170 8.36 25.01 -7.00
N SER C 171 8.18 23.84 -6.38
CA SER C 171 8.89 23.42 -5.18
C SER C 171 8.61 24.32 -3.98
N THR C 172 7.51 25.06 -3.97
CA THR C 172 7.21 26.01 -2.90
C THR C 172 6.24 25.41 -1.89
N TYR C 173 6.10 26.12 -0.77
CA TYR C 173 5.14 25.80 0.27
C TYR C 173 4.17 26.96 0.46
N SER C 174 3.02 26.66 1.05
CA SER C 174 2.04 27.68 1.40
C SER C 174 1.50 27.38 2.79
N LEU C 175 1.27 28.44 3.56
CA LEU C 175 0.88 28.31 4.96
C LEU C 175 -0.34 29.18 5.24
N SER C 176 -1.24 28.66 6.06
CA SER C 176 -2.40 29.40 6.56
C SER C 176 -2.41 29.34 8.07
N SER C 177 -2.55 30.49 8.71
CA SER C 177 -2.71 30.59 10.16
C SER C 177 -4.07 31.21 10.44
N THR C 178 -4.84 30.59 11.32
CA THR C 178 -6.21 30.99 11.60
C THR C 178 -6.35 31.35 13.07
N LEU C 179 -6.62 32.62 13.34
CA LEU C 179 -6.95 33.08 14.68
C LEU C 179 -8.46 33.01 14.87
N THR C 180 -8.90 32.36 15.95
CA THR C 180 -10.32 32.19 16.23
C THR C 180 -10.65 32.88 17.54
N LEU C 181 -11.59 33.83 17.49
CA LEU C 181 -12.08 34.52 18.67
C LEU C 181 -13.60 34.49 18.67
N SER C 182 -14.16 34.79 19.84
CA SER C 182 -15.60 34.99 19.92
C SER C 182 -15.95 36.35 19.31
N LYS C 183 -17.23 36.50 18.94
CA LYS C 183 -17.71 37.78 18.45
C LYS C 183 -17.48 38.88 19.48
N ALA C 184 -17.66 38.55 20.76
CA ALA C 184 -17.49 39.55 21.81
C ALA C 184 -16.03 40.00 21.91
N ASP C 185 -15.11 39.05 22.04
CA ASP C 185 -13.69 39.41 22.14
C ASP C 185 -13.19 40.07 20.86
N TYR C 186 -13.76 39.70 19.71
CA TYR C 186 -13.34 40.31 18.45
C TYR C 186 -13.70 41.79 18.41
N GLU C 187 -14.91 42.14 18.86
CA GLU C 187 -15.34 43.53 18.89
C GLU C 187 -14.66 44.33 19.99
N LYS C 188 -13.86 43.68 20.85
CA LYS C 188 -13.17 44.36 21.93
C LYS C 188 -11.95 45.15 21.44
N HIS C 189 -11.45 44.84 20.24
CA HIS C 189 -10.15 45.35 19.80
C HIS C 189 -10.25 45.94 18.41
N LYS C 190 -9.22 46.70 18.03
CA LYS C 190 -9.23 47.47 16.80
C LYS C 190 -8.31 46.86 15.74
N VAL C 191 -7.00 46.92 15.93
CA VAL C 191 -6.05 46.54 14.90
C VAL C 191 -5.69 45.07 15.05
N TYR C 192 -5.90 44.29 14.00
CA TYR C 192 -5.53 42.88 13.93
C TYR C 192 -4.39 42.73 12.95
N ALA C 193 -3.27 42.17 13.41
CA ALA C 193 -2.04 42.16 12.65
C ALA C 193 -1.45 40.77 12.56
N CYS C 194 -0.76 40.51 11.46
CA CYS C 194 -0.07 39.25 11.20
C CYS C 194 1.36 39.58 10.82
N GLU C 195 2.31 39.10 11.63
CA GLU C 195 3.73 39.37 11.43
C GLU C 195 4.45 38.09 11.05
N VAL C 196 5.19 38.13 9.94
CA VAL C 196 5.75 36.93 9.32
C VAL C 196 7.27 37.05 9.28
N THR C 197 7.94 36.02 9.79
CA THR C 197 9.40 35.93 9.76
C THR C 197 9.80 34.79 8.83
N HIS C 198 10.70 35.07 7.89
CA HIS C 198 11.12 34.07 6.93
C HIS C 198 12.52 34.41 6.42
N GLN C 199 13.27 33.37 6.07
CA GLN C 199 14.64 33.55 5.61
C GLN C 199 14.71 34.44 4.37
N GLY C 200 13.69 34.40 3.53
CA GLY C 200 13.62 35.25 2.35
C GLY C 200 13.26 36.69 2.62
N LEU C 201 12.98 37.05 3.87
CA LEU C 201 12.67 38.42 4.25
C LEU C 201 13.80 38.99 5.09
N SER C 202 14.24 40.20 4.76
CA SER C 202 15.29 40.85 5.54
C SER C 202 14.78 41.31 6.89
N SER C 203 13.54 41.76 6.95
CA SER C 203 12.89 42.16 8.20
C SER C 203 11.47 41.58 8.19
N PRO C 204 10.91 41.33 9.38
CA PRO C 204 9.55 40.76 9.44
C PRO C 204 8.54 41.64 8.72
N VAL C 205 7.60 40.97 8.03
CA VAL C 205 6.58 41.64 7.24
C VAL C 205 5.25 41.54 8.00
N THR C 206 4.58 42.68 8.15
CA THR C 206 3.31 42.74 8.89
C THR C 206 2.20 43.15 7.94
N LYS C 207 1.15 42.34 7.88
CA LYS C 207 -0.10 42.68 7.22
C LYS C 207 -1.17 42.85 8.30
N SER C 208 -1.93 43.93 8.22
CA SER C 208 -2.87 44.24 9.28
C SER C 208 -4.12 44.91 8.70
N PHE C 209 -5.18 44.91 9.50
CA PHE C 209 -6.40 45.63 9.19
C PHE C 209 -7.00 46.18 10.48
N ASN C 210 -7.79 47.24 10.34
CA ASN C 210 -8.55 47.79 11.45
C ASN C 210 -9.99 47.29 11.34
N ARG C 211 -10.54 46.84 12.47
CA ARG C 211 -11.85 46.21 12.46
C ARG C 211 -12.93 47.19 12.02
N GLY C 212 -13.80 46.74 11.12
CA GLY C 212 -14.86 47.59 10.62
C GLY C 212 -14.42 48.64 9.63
N GLU C 213 -13.27 48.45 9.00
CA GLU C 213 -12.76 49.42 8.03
C GLU C 213 -12.70 48.82 6.63
C1 NAG D . 20.90 -42.29 0.61
C2 NAG D . 20.74 -43.66 1.32
C3 NAG D . 21.34 -43.63 2.74
C4 NAG D . 22.72 -42.98 2.76
C5 NAG D . 22.66 -41.64 2.05
C6 NAG D . 23.99 -40.92 2.01
C7 NAG D . 18.73 -44.88 0.57
C8 NAG D . 17.28 -45.13 0.82
N2 NAG D . 19.33 -44.02 1.39
O3 NAG D . 21.41 -44.95 3.24
O4 NAG D . 23.14 -42.80 4.10
O5 NAG D . 22.26 -41.86 0.70
O6 NAG D . 25.08 -41.83 1.91
O7 NAG D . 19.34 -45.43 -0.34
#